data_9IGR
#
_entry.id   9IGR
#
_cell.length_a   160.471
_cell.length_b   88.265
_cell.length_c   125.344
_cell.angle_alpha   90
_cell.angle_beta   101.151
_cell.angle_gamma   90
#
_symmetry.space_group_name_H-M   'C 1 2 1'
#
loop_
_entity.id
_entity.type
_entity.pdbx_description
1 polymer 'Polyphosphate--nucleotide phosphotransferase'
2 non-polymer 'bis[oxidanyl-[oxidanyl-[oxidanyl-[oxidanyl(phosphonooxy)phosphoryl]oxy-phosphoryl]oxy-phosphoryl]oxy-phosphoryl] hydrogen phosphate'
3 non-polymer 'BENZOIC ACID'
4 non-polymer 'PHOSPHATE ION'
5 non-polymer 'MAGNESIUM ION'
6 water water
#
_entity_poly.entity_id   1
_entity_poly.type   'polypeptide(L)'
_entity_poly.pdbx_seq_one_letter_code
;MANIYKIDKLNNFNLNNHKTDDYSLCKDKDTALELTQKNIQKIYDYQQKLYAEKKEGLIIAFQAMDAAGKDGTIREVLKA
LAPQGVHEKPFKSPSSTELAHDYLWRVHNAVPEKGEITIFNRSHYEDVLIGKVKELYKFQNKADRIDENTVVDNRYEDIR
NFEKYLYNNSVRIIKIFLNVSKKEQAERFLSRIEEPEKNWKFSDSDFEERVYWDKYQQAFEDAINATSTKDCPWYVVPAD
RKWYMRYVVSEIVVKTLEEMNPKYPTVTKETLERFEGYRTKLLEEYNYDLDTIRPIEKLEHHHHHH
;
_entity_poly.pdbx_strand_id   A,B,C,D
#
# COMPACT_ATOMS: atom_id res chain seq x y z
N ASN A 3 -18.60 24.86 22.17
CA ASN A 3 -19.15 26.04 22.90
C ASN A 3 -20.00 26.78 21.86
N ILE A 4 -19.64 28.00 21.46
CA ILE A 4 -20.18 28.64 20.27
C ILE A 4 -19.65 27.93 18.99
N TYR A 5 -18.44 27.31 19.06
CA TYR A 5 -17.78 26.79 17.86
C TYR A 5 -17.97 25.28 17.64
N LYS A 6 -18.49 24.53 18.61
CA LYS A 6 -18.62 23.09 18.46
C LYS A 6 -20.03 22.76 18.04
N ILE A 7 -20.17 21.95 17.02
CA ILE A 7 -21.43 21.50 16.51
C ILE A 7 -21.44 19.99 16.70
N ASP A 8 -22.41 19.50 17.48
CA ASP A 8 -22.43 18.14 18.01
C ASP A 8 -23.80 17.48 17.85
N LYS A 9 -24.68 18.01 16.99
CA LYS A 9 -26.00 17.49 16.74
C LYS A 9 -26.33 17.73 15.28
N LEU A 10 -27.19 16.87 14.73
CA LEU A 10 -27.60 16.99 13.34
C LEU A 10 -28.54 18.18 13.15
N ASN A 11 -28.45 18.86 11.99
CA ASN A 11 -29.47 19.82 11.55
C ASN A 11 -29.58 21.00 12.49
N ASN A 12 -28.41 21.50 12.89
CA ASN A 12 -28.33 22.46 13.98
C ASN A 12 -27.27 23.54 13.70
N PHE A 13 -27.23 24.01 12.46
CA PHE A 13 -26.04 24.70 11.98
C PHE A 13 -26.47 25.72 10.95
N ASN A 14 -26.22 26.99 11.25
CA ASN A 14 -26.55 28.09 10.36
C ASN A 14 -25.25 28.88 10.15
N LEU A 15 -24.70 28.76 8.95
CA LEU A 15 -23.38 29.27 8.63
C LEU A 15 -23.31 30.78 8.77
N ASN A 16 -24.40 31.46 8.44
CA ASN A 16 -24.49 32.90 8.45
C ASN A 16 -24.27 33.45 9.87
N ASN A 17 -24.59 32.67 10.92
CA ASN A 17 -24.29 33.06 12.30
C ASN A 17 -22.85 32.81 12.73
N HIS A 18 -22.00 32.20 11.91
CA HIS A 18 -20.64 31.91 12.31
C HIS A 18 -19.71 32.80 11.47
N LYS A 19 -19.35 33.94 12.07
CA LYS A 19 -18.63 34.97 11.39
C LYS A 19 -17.18 34.54 11.27
N THR A 20 -16.50 35.00 10.22
CA THR A 20 -15.13 34.67 9.92
C THR A 20 -14.12 35.35 10.81
N ASP A 21 -14.51 36.40 11.48
CA ASP A 21 -13.62 37.26 12.25
C ASP A 21 -14.09 37.36 13.70
N ASP A 22 -14.91 36.41 14.18
CA ASP A 22 -15.13 36.29 15.61
C ASP A 22 -13.81 36.06 16.33
N TYR A 23 -13.75 36.62 17.57
CA TYR A 23 -12.60 36.49 18.46
C TYR A 23 -13.04 36.50 19.92
N SER A 24 -14.23 35.97 20.22
CA SER A 24 -14.85 36.14 21.52
C SER A 24 -14.16 35.28 22.60
N LEU A 25 -13.44 34.20 22.26
CA LEU A 25 -12.75 33.44 23.31
C LEU A 25 -11.50 34.12 23.89
N CYS A 26 -10.89 35.07 23.20
CA CYS A 26 -9.66 35.68 23.69
C CYS A 26 -9.31 36.89 22.82
N LYS A 27 -9.69 38.10 23.24
CA LYS A 27 -9.66 39.29 22.39
C LYS A 27 -8.26 39.91 22.33
N ASP A 28 -7.43 39.58 23.31
CA ASP A 28 -6.08 40.08 23.36
C ASP A 28 -5.14 39.08 22.69
N LYS A 29 -4.44 39.51 21.63
CA LYS A 29 -3.55 38.67 20.87
C LYS A 29 -2.38 38.11 21.68
N ASP A 30 -1.76 38.93 22.52
CA ASP A 30 -0.58 38.52 23.28
C ASP A 30 -0.96 37.44 24.30
N THR A 31 -2.15 37.56 24.91
CA THR A 31 -2.69 36.57 25.81
C THR A 31 -2.85 35.27 25.05
N ALA A 32 -3.48 35.32 23.86
CA ALA A 32 -3.68 34.11 23.06
C ALA A 32 -2.38 33.42 22.65
N LEU A 33 -1.34 34.18 22.33
CA LEU A 33 -0.03 33.61 22.00
C LEU A 33 0.54 32.84 23.19
N GLU A 34 0.44 33.36 24.41
CA GLU A 34 0.94 32.72 25.63
C GLU A 34 0.11 31.45 25.90
N LEU A 35 -1.23 31.53 25.84
CA LEU A 35 -2.08 30.39 26.08
C LEU A 35 -1.79 29.29 25.05
N THR A 36 -1.39 29.71 23.83
CA THR A 36 -1.11 28.79 22.75
C THR A 36 0.17 28.04 23.09
N GLN A 37 1.17 28.70 23.68
CA GLN A 37 2.40 28.03 24.04
C GLN A 37 2.16 26.98 25.11
N LYS A 38 1.27 27.26 26.06
CA LYS A 38 0.95 26.30 27.11
C LYS A 38 0.24 25.09 26.53
N ASN A 39 -0.76 25.34 25.67
CA ASN A 39 -1.48 24.27 25.02
C ASN A 39 -0.53 23.35 24.26
N ILE A 40 0.48 23.91 23.57
CA ILE A 40 1.42 23.15 22.76
C ILE A 40 2.29 22.23 23.62
N GLN A 41 2.84 22.74 24.72
CA GLN A 41 3.53 21.87 25.67
C GLN A 41 2.61 20.71 26.12
N LYS A 42 1.36 20.97 26.46
CA LYS A 42 0.50 19.90 26.95
C LYS A 42 0.24 18.86 25.85
N ILE A 43 0.17 19.31 24.60
CA ILE A 43 -0.09 18.43 23.49
C ILE A 43 1.07 17.46 23.33
N TYR A 44 2.30 17.98 23.36
CA TYR A 44 3.48 17.15 23.33
C TYR A 44 3.44 16.10 24.45
N ASP A 45 3.13 16.50 25.69
CA ASP A 45 3.10 15.54 26.79
C ASP A 45 2.05 14.47 26.51
N TYR A 46 0.83 14.85 26.12
CA TYR A 46 -0.18 13.87 25.84
C TYR A 46 0.27 12.93 24.72
N GLN A 47 0.91 13.46 23.68
CA GLN A 47 1.30 12.62 22.58
C GLN A 47 2.24 11.51 23.03
N GLN A 48 3.19 11.78 23.94
CA GLN A 48 4.12 10.75 24.40
C GLN A 48 3.37 9.64 25.15
N LYS A 49 2.40 10.00 25.97
CA LYS A 49 1.64 9.03 26.71
C LYS A 49 0.75 8.25 25.74
N LEU A 50 0.15 8.90 24.74
CA LEU A 50 -0.69 8.20 23.78
C LEU A 50 0.11 7.15 23.02
N TYR A 51 1.31 7.52 22.57
CA TYR A 51 2.21 6.61 21.88
C TYR A 51 2.63 5.43 22.76
N ALA A 52 2.82 5.66 24.05
CA ALA A 52 3.31 4.59 24.90
C ALA A 52 2.21 3.56 25.16
N GLU A 53 0.97 4.02 25.28
CA GLU A 53 -0.13 3.15 25.71
C GLU A 53 -0.69 2.32 24.55
N LYS A 54 -0.58 2.76 23.30
CA LYS A 54 -1.01 2.01 22.12
C LYS A 54 -2.45 1.53 22.26
N LYS A 55 -3.35 2.40 22.73
CA LYS A 55 -4.75 2.06 22.87
C LYS A 55 -5.72 2.84 21.99
N GLU A 56 -5.38 4.07 21.58
CA GLU A 56 -6.33 4.92 20.85
C GLU A 56 -5.58 5.75 19.83
N GLY A 57 -6.23 6.00 18.71
CA GLY A 57 -5.64 6.79 17.64
C GLY A 57 -6.47 8.05 17.43
N LEU A 58 -5.86 9.03 16.76
CA LEU A 58 -6.44 10.35 16.63
C LEU A 58 -6.20 10.86 15.22
N ILE A 59 -7.29 11.29 14.59
CA ILE A 59 -7.23 11.94 13.32
C ILE A 59 -7.56 13.39 13.57
N ILE A 60 -6.78 14.30 13.00
CA ILE A 60 -7.02 15.71 13.15
C ILE A 60 -7.23 16.20 11.74
N ALA A 61 -8.49 16.47 11.36
CA ALA A 61 -8.78 16.70 9.95
C ALA A 61 -9.15 18.18 9.74
N PHE A 62 -8.46 18.83 8.78
CA PHE A 62 -8.71 20.20 8.47
C PHE A 62 -9.35 20.29 7.11
N GLN A 63 -10.47 21.00 7.03
CA GLN A 63 -11.20 21.10 5.80
C GLN A 63 -11.58 22.58 5.60
N ALA A 64 -11.23 23.15 4.46
CA ALA A 64 -11.48 24.56 4.22
C ALA A 64 -11.09 24.94 2.81
N MET A 65 -11.44 26.16 2.45
CA MET A 65 -11.04 26.80 1.21
C MET A 65 -9.53 27.04 1.17
N ASP A 66 -8.98 27.23 -0.05
CA ASP A 66 -7.59 27.60 -0.23
C ASP A 66 -7.27 28.90 0.51
N ALA A 67 -6.13 28.90 1.19
CA ALA A 67 -5.58 29.98 1.99
C ALA A 67 -6.42 30.33 3.21
N ALA A 68 -7.26 29.40 3.64
CA ALA A 68 -7.95 29.58 4.90
C ALA A 68 -6.98 29.49 6.05
N GLY A 69 -5.93 28.67 5.93
CA GLY A 69 -4.93 28.59 6.99
C GLY A 69 -4.58 27.15 7.43
N LYS A 70 -4.81 26.14 6.58
CA LYS A 70 -4.66 24.73 6.98
C LYS A 70 -3.18 24.39 7.19
N ASP A 71 -2.33 24.59 6.18
CA ASP A 71 -0.92 24.32 6.32
C ASP A 71 -0.25 25.14 7.43
N GLY A 72 -0.53 26.43 7.54
CA GLY A 72 0.18 27.24 8.51
C GLY A 72 -0.29 26.94 9.93
N THR A 73 -1.57 26.57 10.09
CA THR A 73 -2.03 26.15 11.40
C THR A 73 -1.43 24.79 11.78
N ILE A 74 -1.49 23.81 10.88
CA ILE A 74 -0.90 22.50 11.15
C ILE A 74 0.57 22.69 11.55
N ARG A 75 1.30 23.48 10.78
CA ARG A 75 2.70 23.75 11.08
C ARG A 75 2.92 24.47 12.42
N GLU A 76 2.25 25.58 12.70
CA GLU A 76 2.55 26.32 13.92
C GLU A 76 2.07 25.58 15.19
N VAL A 77 0.95 24.84 15.17
CA VAL A 77 0.42 24.21 16.38
C VAL A 77 1.03 22.82 16.57
N LEU A 78 1.11 22.02 15.52
CA LEU A 78 1.49 20.62 15.70
C LEU A 78 2.97 20.34 15.33
N LYS A 79 3.79 21.34 15.05
CA LYS A 79 5.21 21.10 14.92
C LYS A 79 5.83 20.78 16.28
N ALA A 80 5.08 20.96 17.37
CA ALA A 80 5.54 20.59 18.70
C ALA A 80 5.73 19.08 18.84
N LEU A 81 4.87 18.33 18.15
CA LEU A 81 4.83 16.89 18.18
C LEU A 81 6.18 16.33 17.76
N ALA A 82 6.56 15.23 18.43
CA ALA A 82 7.73 14.48 18.06
C ALA A 82 7.39 13.75 16.77
N PRO A 83 8.37 13.29 15.97
CA PRO A 83 8.06 12.61 14.71
C PRO A 83 7.36 11.26 14.91
N GLN A 84 7.60 10.61 16.05
CA GLN A 84 7.16 9.24 16.24
C GLN A 84 5.64 9.17 16.28
N GLY A 85 5.11 8.24 15.49
CA GLY A 85 3.68 8.03 15.42
C GLY A 85 2.89 9.18 14.78
N VAL A 86 3.51 9.94 13.86
CA VAL A 86 2.80 11.06 13.25
C VAL A 86 2.86 10.92 11.74
N HIS A 87 1.74 11.12 11.07
CA HIS A 87 1.69 11.16 9.62
C HIS A 87 0.84 12.37 9.28
N GLU A 88 1.21 13.08 8.22
CA GLU A 88 0.39 14.12 7.64
C GLU A 88 0.01 13.61 6.24
N LYS A 89 -1.27 13.70 5.91
CA LYS A 89 -1.77 13.22 4.65
C LYS A 89 -2.63 14.28 3.97
N PRO A 90 -2.13 14.95 2.89
CA PRO A 90 -2.93 15.83 2.07
C PRO A 90 -3.72 15.05 1.03
N PHE A 91 -5.04 15.19 1.04
CA PHE A 91 -5.96 14.68 0.04
C PHE A 91 -6.10 15.70 -1.09
N LYS A 92 -5.26 15.48 -2.11
CA LYS A 92 -5.36 16.18 -3.36
C LYS A 92 -6.40 15.50 -4.27
N SER A 93 -6.47 16.02 -5.46
CA SER A 93 -7.31 15.43 -6.50
C SER A 93 -6.99 13.94 -6.61
N PRO A 94 -8.04 13.12 -6.60
CA PRO A 94 -7.85 11.68 -6.73
C PRO A 94 -7.09 11.27 -8.00
N SER A 95 -6.09 10.37 -7.84
CA SER A 95 -5.45 9.64 -8.96
C SER A 95 -6.43 8.73 -9.70
N SER A 96 -6.05 8.27 -10.89
CA SER A 96 -6.93 7.37 -11.61
C SER A 96 -7.18 6.05 -10.83
N THR A 97 -6.19 5.52 -10.10
CA THR A 97 -6.37 4.39 -9.24
C THR A 97 -7.32 4.67 -8.07
N GLU A 98 -7.23 5.83 -7.45
CA GLU A 98 -8.13 6.23 -6.39
C GLU A 98 -9.57 6.43 -6.88
N LEU A 99 -9.77 6.95 -8.08
CA LEU A 99 -11.09 7.05 -8.70
C LEU A 99 -11.62 5.63 -9.06
N ALA A 100 -10.76 4.67 -9.35
CA ALA A 100 -11.23 3.35 -9.74
C ALA A 100 -11.69 2.59 -8.50
N HIS A 101 -11.17 2.97 -7.32
CA HIS A 101 -11.69 2.53 -6.04
C HIS A 101 -12.84 3.44 -5.62
N ASP A 102 -13.42 3.11 -4.50
CA ASP A 102 -14.52 3.85 -3.92
C ASP A 102 -13.87 4.99 -3.12
N TYR A 103 -14.65 6.05 -2.84
CA TYR A 103 -14.07 7.27 -2.30
C TYR A 103 -13.49 7.14 -0.88
N LEU A 104 -14.03 6.30 0.00
CA LEU A 104 -13.39 6.15 1.33
C LEU A 104 -12.18 5.24 1.33
N TRP A 105 -11.85 4.61 0.22
CA TRP A 105 -10.71 3.69 0.18
C TRP A 105 -9.41 4.39 0.55
N ARG A 106 -9.11 5.52 -0.07
CA ARG A 106 -7.83 6.16 0.23
C ARG A 106 -7.85 6.80 1.60
N VAL A 107 -9.04 7.15 2.12
CA VAL A 107 -9.08 7.70 3.45
C VAL A 107 -8.80 6.66 4.52
N HIS A 108 -9.51 5.56 4.43
CA HIS A 108 -9.38 4.50 5.41
C HIS A 108 -7.95 4.00 5.42
N ASN A 109 -7.28 3.88 4.27
CA ASN A 109 -5.89 3.46 4.27
C ASN A 109 -5.05 4.31 5.23
N ALA A 110 -5.34 5.58 5.41
CA ALA A 110 -4.43 6.48 6.12
C ALA A 110 -4.85 6.67 7.58
N VAL A 111 -5.86 5.93 8.02
CA VAL A 111 -6.30 6.01 9.40
C VAL A 111 -5.16 5.54 10.25
N PRO A 112 -4.90 6.19 11.39
CA PRO A 112 -3.76 5.85 12.20
C PRO A 112 -3.95 4.58 13.02
N GLU A 113 -2.82 4.02 13.42
CA GLU A 113 -2.74 2.93 14.38
C GLU A 113 -3.08 3.47 15.76
N LYS A 114 -3.44 2.57 16.66
CA LYS A 114 -3.66 2.95 18.03
C LYS A 114 -2.33 3.45 18.55
N GLY A 115 -2.40 4.59 19.25
CA GLY A 115 -1.25 5.24 19.80
C GLY A 115 -0.70 6.32 18.87
N GLU A 116 -1.31 6.50 17.70
CA GLU A 116 -0.72 7.37 16.71
C GLU A 116 -1.70 8.46 16.31
N ILE A 117 -1.16 9.45 15.60
CA ILE A 117 -1.86 10.65 15.22
C ILE A 117 -1.62 10.82 13.74
N THR A 118 -2.72 10.98 13.03
CA THR A 118 -2.61 11.28 11.62
C THR A 118 -3.34 12.60 11.38
N ILE A 119 -2.71 13.51 10.64
CA ILE A 119 -3.30 14.78 10.30
C ILE A 119 -3.76 14.71 8.86
N PHE A 120 -5.00 15.13 8.63
CA PHE A 120 -5.56 15.16 7.30
C PHE A 120 -5.67 16.63 6.85
N ASN A 121 -4.96 16.98 5.80
CA ASN A 121 -5.19 18.21 5.10
C ASN A 121 -6.17 18.02 3.93
N ARG A 122 -7.39 18.47 4.13
CA ARG A 122 -8.57 17.99 3.43
C ARG A 122 -8.84 16.54 3.85
N SER A 123 -9.95 15.94 3.38
CA SER A 123 -10.42 14.70 3.93
C SER A 123 -11.40 14.02 2.97
N HIS A 124 -12.08 13.03 3.49
CA HIS A 124 -13.22 12.40 2.88
C HIS A 124 -14.33 13.39 2.61
N TYR A 125 -14.36 14.55 3.29
CA TYR A 125 -15.45 15.52 3.05
C TYR A 125 -15.31 16.11 1.65
N GLU A 126 -14.14 16.06 1.01
CA GLU A 126 -14.05 16.46 -0.40
C GLU A 126 -15.18 15.94 -1.29
N ASP A 127 -15.71 14.74 -1.02
CA ASP A 127 -16.68 14.10 -1.90
C ASP A 127 -18.11 14.59 -1.68
N VAL A 128 -18.34 15.49 -0.71
CA VAL A 128 -19.58 16.24 -0.59
C VAL A 128 -19.38 17.76 -0.59
N LEU A 129 -18.20 18.20 -0.99
CA LEU A 129 -17.84 19.61 -1.17
C LEU A 129 -17.59 19.75 -2.67
N ILE A 130 -16.33 19.72 -3.13
CA ILE A 130 -16.10 19.83 -4.56
C ILE A 130 -16.93 18.76 -5.30
N GLY A 131 -17.10 17.57 -4.72
CA GLY A 131 -17.94 16.56 -5.36
C GLY A 131 -19.42 16.95 -5.51
N LYS A 132 -19.99 17.72 -4.60
CA LYS A 132 -21.39 18.12 -4.72
C LYS A 132 -21.49 19.34 -5.62
N VAL A 133 -20.59 20.31 -5.42
CA VAL A 133 -20.64 21.59 -6.11
C VAL A 133 -20.44 21.41 -7.61
N LYS A 134 -19.45 20.58 -8.01
CA LYS A 134 -19.20 20.27 -9.41
C LYS A 134 -19.90 18.99 -9.90
N GLU A 135 -20.64 18.30 -9.03
CA GLU A 135 -21.42 17.13 -9.39
C GLU A 135 -20.55 16.11 -10.10
N LEU A 136 -19.36 15.80 -9.52
CA LEU A 136 -18.40 15.00 -10.28
C LEU A 136 -18.91 13.59 -10.58
N TYR A 137 -19.80 13.11 -9.68
CA TYR A 137 -20.37 11.78 -9.76
C TYR A 137 -21.10 11.56 -11.09
N LYS A 138 -21.57 12.61 -11.76
CA LYS A 138 -22.28 12.44 -13.03
C LYS A 138 -21.36 12.03 -14.19
N PHE A 139 -20.05 12.25 -14.09
CA PHE A 139 -19.09 12.09 -15.19
C PHE A 139 -18.18 10.89 -14.86
N GLN A 140 -18.16 10.47 -13.62
CA GLN A 140 -17.37 9.34 -13.21
C GLN A 140 -18.03 8.01 -13.51
N ASN A 141 -17.18 6.98 -13.64
CA ASN A 141 -17.68 5.64 -13.84
C ASN A 141 -18.33 5.11 -12.55
N LYS A 142 -19.52 4.55 -12.71
CA LYS A 142 -20.28 3.85 -11.69
C LYS A 142 -21.26 2.88 -12.34
N ALA A 143 -21.91 2.02 -11.54
CA ALA A 143 -22.86 1.09 -12.07
C ALA A 143 -24.12 1.81 -12.53
N ASP A 144 -24.74 1.27 -13.58
CA ASP A 144 -25.97 1.82 -14.13
C ASP A 144 -27.08 1.92 -13.07
N ARG A 145 -27.06 1.06 -12.04
CA ARG A 145 -28.13 1.03 -11.03
C ARG A 145 -27.93 2.14 -10.01
N ILE A 146 -26.80 2.87 -10.01
CA ILE A 146 -26.62 3.91 -9.00
C ILE A 146 -27.52 5.08 -9.38
N ASP A 147 -28.40 5.48 -8.48
CA ASP A 147 -29.30 6.61 -8.71
C ASP A 147 -28.57 7.91 -8.39
N GLU A 148 -28.41 8.79 -9.38
CA GLU A 148 -27.65 10.01 -9.25
C GLU A 148 -28.28 11.00 -8.28
N ASN A 149 -29.61 11.08 -8.26
CA ASN A 149 -30.31 11.99 -7.35
C ASN A 149 -30.11 11.64 -5.87
N THR A 150 -29.59 10.45 -5.51
CA THR A 150 -29.42 10.12 -4.11
C THR A 150 -27.92 9.92 -3.79
N VAL A 151 -27.02 10.17 -4.77
CA VAL A 151 -25.63 9.94 -4.50
C VAL A 151 -25.13 10.75 -3.29
N VAL A 152 -25.44 12.03 -3.21
CA VAL A 152 -24.96 12.85 -2.12
C VAL A 152 -25.59 12.49 -0.76
N ASP A 153 -26.90 12.27 -0.67
CA ASP A 153 -27.47 11.85 0.60
C ASP A 153 -26.89 10.53 1.11
N ASN A 154 -26.55 9.60 0.21
CA ASN A 154 -25.93 8.36 0.63
C ASN A 154 -24.52 8.58 1.12
N ARG A 155 -23.86 9.64 0.63
CA ARG A 155 -22.53 9.92 1.16
C ARG A 155 -22.60 10.46 2.58
N TYR A 156 -23.61 11.29 2.88
CA TYR A 156 -23.76 11.76 4.26
C TYR A 156 -23.97 10.56 5.19
N GLU A 157 -24.84 9.60 4.83
CA GLU A 157 -25.10 8.42 5.65
C GLU A 157 -23.81 7.61 5.87
N ASP A 158 -23.09 7.37 4.78
CA ASP A 158 -21.94 6.49 4.74
C ASP A 158 -20.82 7.14 5.53
N ILE A 159 -20.68 8.45 5.43
CA ILE A 159 -19.66 9.12 6.20
C ILE A 159 -20.04 9.06 7.68
N ARG A 160 -21.31 9.29 8.03
CA ARG A 160 -21.67 9.20 9.45
C ARG A 160 -21.26 7.82 9.95
N ASN A 161 -21.55 6.76 9.17
CA ASN A 161 -21.41 5.40 9.65
C ASN A 161 -19.94 5.02 9.73
N PHE A 162 -19.16 5.50 8.77
CA PHE A 162 -17.72 5.32 8.81
C PHE A 162 -17.12 5.98 10.06
N GLU A 163 -17.50 7.20 10.37
CA GLU A 163 -16.88 7.90 11.48
C GLU A 163 -17.30 7.23 12.81
N LYS A 164 -18.55 6.76 12.90
CA LYS A 164 -19.03 6.02 14.07
C LYS A 164 -18.30 4.67 14.20
N TYR A 165 -17.99 4.04 13.07
CA TYR A 165 -17.25 2.80 13.05
C TYR A 165 -15.87 3.05 13.65
N LEU A 166 -15.21 4.10 13.23
CA LEU A 166 -13.89 4.38 13.76
C LEU A 166 -13.94 4.66 15.24
N TYR A 167 -14.93 5.42 15.66
CA TYR A 167 -15.04 5.74 17.07
C TYR A 167 -15.07 4.45 17.87
N ASN A 168 -15.89 3.51 17.40
CA ASN A 168 -16.13 2.29 18.15
C ASN A 168 -14.89 1.40 18.09
N ASN A 169 -13.88 1.76 17.31
CA ASN A 169 -12.70 0.90 17.21
C ASN A 169 -11.46 1.71 17.54
N SER A 170 -11.64 2.63 18.48
CA SER A 170 -10.55 3.28 19.16
C SER A 170 -9.91 4.36 18.30
N VAL A 171 -10.64 5.02 17.39
CA VAL A 171 -10.06 6.11 16.60
C VAL A 171 -10.98 7.32 16.63
N ARG A 172 -10.54 8.43 17.20
CA ARG A 172 -11.33 9.63 17.26
C ARG A 172 -10.97 10.49 16.05
N ILE A 173 -11.93 11.29 15.60
CA ILE A 173 -11.60 12.29 14.59
C ILE A 173 -12.00 13.66 15.15
N ILE A 174 -11.07 14.61 15.04
CA ILE A 174 -11.36 16.02 15.20
C ILE A 174 -11.62 16.58 13.82
N LYS A 175 -12.79 17.23 13.65
CA LYS A 175 -13.09 17.82 12.36
C LYS A 175 -13.07 19.34 12.52
N ILE A 176 -12.24 20.01 11.75
CA ILE A 176 -12.10 21.42 11.89
C ILE A 176 -12.33 22.10 10.56
N PHE A 177 -13.32 23.00 10.52
CA PHE A 177 -13.57 23.90 9.41
C PHE A 177 -12.98 25.25 9.71
N LEU A 178 -11.98 25.65 8.92
CA LEU A 178 -11.41 26.98 9.04
C LEU A 178 -12.26 27.88 8.14
N ASN A 179 -13.04 28.73 8.78
CA ASN A 179 -14.04 29.54 8.14
C ASN A 179 -13.44 30.91 7.81
N VAL A 180 -12.87 31.03 6.59
CA VAL A 180 -12.25 32.25 6.13
C VAL A 180 -13.16 33.01 5.17
N SER A 181 -13.07 34.34 5.16
CA SER A 181 -13.93 35.15 4.30
C SER A 181 -13.27 35.23 2.93
N LYS A 182 -14.04 35.63 1.91
CA LYS A 182 -13.54 35.74 0.57
C LYS A 182 -12.45 36.83 0.44
N LYS A 183 -12.68 37.99 1.09
CA LYS A 183 -11.71 39.04 1.00
C LYS A 183 -10.43 38.62 1.73
N GLU A 184 -10.52 37.93 2.84
CA GLU A 184 -9.26 37.53 3.45
C GLU A 184 -8.49 36.52 2.61
N GLN A 185 -9.21 35.61 1.93
CA GLN A 185 -8.57 34.72 0.98
C GLN A 185 -7.83 35.53 -0.09
N ALA A 186 -8.47 36.56 -0.59
CA ALA A 186 -7.83 37.34 -1.61
C ALA A 186 -6.58 38.01 -1.07
N GLU A 187 -6.58 38.48 0.18
CA GLU A 187 -5.37 39.15 0.66
C GLU A 187 -4.25 38.10 0.73
N ARG A 188 -4.57 36.89 1.17
CA ARG A 188 -3.53 35.89 1.28
C ARG A 188 -3.08 35.39 -0.10
N PHE A 189 -3.95 35.41 -1.09
CA PHE A 189 -3.49 35.05 -2.42
C PHE A 189 -2.57 36.13 -2.98
N LEU A 190 -2.96 37.37 -2.77
CA LEU A 190 -2.15 38.50 -3.15
C LEU A 190 -0.74 38.34 -2.56
N SER A 191 -0.70 37.92 -1.29
CA SER A 191 0.59 37.78 -0.65
C SER A 191 1.36 36.61 -1.31
N ARG A 192 0.70 35.50 -1.67
CA ARG A 192 1.37 34.43 -2.40
C ARG A 192 1.91 34.86 -3.76
N ILE A 193 1.31 35.85 -4.40
CA ILE A 193 1.82 36.30 -5.67
C ILE A 193 2.92 37.34 -5.48
N GLU A 194 2.90 38.15 -4.42
CA GLU A 194 3.84 39.27 -4.31
C GLU A 194 5.17 38.92 -3.64
N GLU A 195 5.22 37.86 -2.87
CA GLU A 195 6.44 37.39 -2.22
C GLU A 195 7.03 36.21 -3.01
N PRO A 196 8.20 36.36 -3.65
CA PRO A 196 8.87 35.27 -4.36
C PRO A 196 8.87 33.93 -3.64
N GLU A 197 9.06 33.93 -2.32
CA GLU A 197 9.21 32.72 -1.52
C GLU A 197 7.86 32.01 -1.37
N LYS A 198 6.76 32.65 -1.79
CA LYS A 198 5.48 32.01 -1.68
C LYS A 198 4.82 31.68 -3.03
N ASN A 199 5.49 32.01 -4.13
CA ASN A 199 4.91 31.83 -5.45
C ASN A 199 4.55 30.38 -5.69
N TRP A 200 5.37 29.47 -5.19
CA TRP A 200 5.15 28.07 -5.43
C TRP A 200 3.80 27.63 -4.92
N LYS A 201 3.18 28.41 -4.02
CA LYS A 201 1.98 27.96 -3.32
C LYS A 201 0.71 28.32 -4.09
N PHE A 202 0.87 29.12 -5.14
CA PHE A 202 -0.28 29.69 -5.80
C PHE A 202 -0.49 28.94 -7.10
N SER A 203 -1.74 28.65 -7.45
CA SER A 203 -2.00 28.08 -8.77
C SER A 203 -3.22 28.72 -9.45
N ASP A 204 -3.26 28.57 -10.77
CA ASP A 204 -4.37 28.95 -11.60
C ASP A 204 -5.68 28.49 -10.98
N SER A 205 -5.76 27.26 -10.55
CA SER A 205 -7.08 26.76 -10.20
C SER A 205 -7.55 27.29 -8.84
N ASP A 206 -6.63 27.84 -8.06
CA ASP A 206 -6.96 28.46 -6.78
C ASP A 206 -7.82 29.72 -7.06
N PHE A 207 -7.42 30.50 -8.06
CA PHE A 207 -8.09 31.70 -8.48
C PHE A 207 -9.46 31.36 -9.10
N GLU A 208 -9.54 30.25 -9.86
CA GLU A 208 -10.71 29.96 -10.68
C GLU A 208 -11.79 29.37 -9.79
N GLU A 209 -11.43 28.77 -8.66
CA GLU A 209 -12.45 28.27 -7.74
C GLU A 209 -13.30 29.34 -7.05
N ARG A 210 -12.82 30.62 -7.15
CA ARG A 210 -13.48 31.72 -6.48
C ARG A 210 -14.88 31.90 -7.05
N VAL A 211 -15.02 31.67 -8.34
CA VAL A 211 -16.32 31.74 -9.01
C VAL A 211 -17.35 30.83 -8.34
N TYR A 212 -16.95 29.81 -7.58
CA TYR A 212 -17.88 28.90 -6.96
C TYR A 212 -18.03 29.18 -5.47
N TRP A 213 -17.60 30.36 -5.00
CA TRP A 213 -17.52 30.58 -3.59
C TRP A 213 -18.84 30.25 -2.89
N ASP A 214 -19.95 30.82 -3.39
CA ASP A 214 -21.23 30.67 -2.69
C ASP A 214 -21.66 29.20 -2.65
N LYS A 215 -21.50 28.46 -3.74
CA LYS A 215 -21.86 27.06 -3.75
C LYS A 215 -21.03 26.28 -2.73
N TYR A 216 -19.76 26.64 -2.57
CA TYR A 216 -18.96 25.94 -1.58
C TYR A 216 -19.43 26.25 -0.17
N GLN A 217 -19.84 27.51 0.07
CA GLN A 217 -20.39 27.86 1.37
C GLN A 217 -21.63 27.00 1.68
N GLN A 218 -22.54 26.84 0.72
CA GLN A 218 -23.72 26.01 0.91
C GLN A 218 -23.33 24.53 1.16
N ALA A 219 -22.35 24.02 0.45
CA ALA A 219 -21.89 22.65 0.69
C ALA A 219 -21.22 22.43 2.04
N PHE A 220 -20.54 23.41 2.62
CA PHE A 220 -20.06 23.25 3.98
C PHE A 220 -21.24 23.29 4.94
N GLU A 221 -22.22 24.17 4.67
CA GLU A 221 -23.38 24.20 5.56
C GLU A 221 -24.05 22.80 5.57
N ASP A 222 -24.22 22.19 4.39
CA ASP A 222 -24.97 20.94 4.31
C ASP A 222 -24.16 19.83 4.95
N ALA A 223 -22.85 19.78 4.72
CA ALA A 223 -22.05 18.74 5.35
C ALA A 223 -22.12 18.82 6.88
N ILE A 224 -22.06 20.03 7.46
CA ILE A 224 -22.03 20.14 8.91
C ILE A 224 -23.40 19.85 9.55
N ASN A 225 -24.48 20.22 8.86
CA ASN A 225 -25.82 19.76 9.20
C ASN A 225 -25.97 18.26 9.22
N ALA A 226 -25.25 17.59 8.33
CA ALA A 226 -25.53 16.18 8.10
C ALA A 226 -24.58 15.26 8.87
N THR A 227 -23.45 15.75 9.39
CA THR A 227 -22.49 14.81 9.94
C THR A 227 -21.94 15.23 11.30
N SER A 228 -22.54 16.22 11.99
CA SER A 228 -22.10 16.55 13.33
C SER A 228 -22.77 15.64 14.36
N THR A 229 -21.99 14.93 15.20
CA THR A 229 -22.52 14.10 16.30
C THR A 229 -21.73 14.39 17.58
N LYS A 230 -22.23 13.89 18.71
CA LYS A 230 -21.54 13.92 19.99
C LYS A 230 -20.14 13.32 19.87
N ASP A 231 -19.98 12.19 19.18
CA ASP A 231 -18.71 11.50 19.19
C ASP A 231 -17.80 12.07 18.10
N CYS A 232 -18.41 12.67 17.08
CA CYS A 232 -17.67 13.17 15.93
C CYS A 232 -18.18 14.58 15.59
N PRO A 233 -17.91 15.54 16.49
CA PRO A 233 -18.39 16.89 16.27
C PRO A 233 -17.60 17.62 15.19
N TRP A 234 -18.21 18.71 14.71
CA TRP A 234 -17.52 19.69 13.90
C TRP A 234 -17.16 20.92 14.72
N TYR A 235 -16.02 21.51 14.39
CA TYR A 235 -15.57 22.72 15.00
C TYR A 235 -15.45 23.76 13.90
N VAL A 236 -16.20 24.86 14.06
CA VAL A 236 -16.17 25.92 13.07
C VAL A 236 -15.31 27.05 13.62
N VAL A 237 -14.09 27.17 13.10
CA VAL A 237 -13.13 28.07 13.66
C VAL A 237 -12.99 29.30 12.78
N PRO A 238 -13.17 30.51 13.32
CA PRO A 238 -12.97 31.71 12.54
C PRO A 238 -11.53 31.83 12.10
N ALA A 239 -11.32 32.07 10.81
CA ALA A 239 -9.99 31.92 10.23
C ALA A 239 -9.38 33.25 9.75
N ASP A 240 -10.10 34.34 9.89
CA ASP A 240 -9.58 35.63 9.41
C ASP A 240 -8.40 36.15 10.19
N ARG A 241 -8.15 35.72 11.44
CA ARG A 241 -6.90 36.08 12.08
C ARG A 241 -6.12 34.83 12.48
N LYS A 242 -4.85 34.76 12.06
CA LYS A 242 -4.07 33.56 12.22
C LYS A 242 -3.77 33.28 13.69
N TRP A 243 -3.39 34.28 14.49
CA TRP A 243 -3.12 34.08 15.89
C TRP A 243 -4.34 33.50 16.59
N TYR A 244 -5.55 33.97 16.28
CA TYR A 244 -6.75 33.49 16.96
C TYR A 244 -7.03 32.04 16.55
N MET A 245 -6.93 31.78 15.26
CA MET A 245 -7.19 30.46 14.73
C MET A 245 -6.25 29.39 15.30
N ARG A 246 -4.96 29.69 15.34
CA ARG A 246 -4.00 28.80 16.01
C ARG A 246 -4.32 28.61 17.49
N TYR A 247 -4.75 29.66 18.19
CA TYR A 247 -5.10 29.50 19.59
C TYR A 247 -6.25 28.53 19.72
N VAL A 248 -7.31 28.73 18.96
CA VAL A 248 -8.50 27.90 19.11
C VAL A 248 -8.19 26.45 18.74
N VAL A 249 -7.43 26.21 17.68
CA VAL A 249 -7.08 24.86 17.34
C VAL A 249 -6.23 24.19 18.42
N SER A 250 -5.31 24.89 19.05
CA SER A 250 -4.56 24.30 20.15
C SER A 250 -5.48 23.91 21.31
N GLU A 251 -6.54 24.66 21.56
CA GLU A 251 -7.50 24.37 22.63
C GLU A 251 -8.29 23.12 22.26
N ILE A 252 -8.74 22.99 21.00
CA ILE A 252 -9.47 21.82 20.60
C ILE A 252 -8.62 20.55 20.72
N VAL A 253 -7.38 20.61 20.27
CA VAL A 253 -6.54 19.42 20.28
C VAL A 253 -6.25 19.01 21.71
N VAL A 254 -5.85 19.95 22.56
CA VAL A 254 -5.63 19.69 23.97
C VAL A 254 -6.85 19.11 24.64
N LYS A 255 -8.06 19.67 24.39
CA LYS A 255 -9.24 19.21 25.10
C LYS A 255 -9.57 17.78 24.66
N THR A 256 -9.33 17.44 23.39
CA THR A 256 -9.65 16.09 22.97
C THR A 256 -8.66 15.11 23.58
N LEU A 257 -7.37 15.43 23.60
CA LEU A 257 -6.36 14.57 24.22
C LEU A 257 -6.67 14.33 25.69
N GLU A 258 -7.20 15.33 26.35
CA GLU A 258 -7.53 15.20 27.76
C GLU A 258 -8.73 14.28 28.00
N GLU A 259 -9.77 14.28 27.15
CA GLU A 259 -10.84 13.28 27.24
C GLU A 259 -10.29 11.87 26.98
N MET A 260 -9.36 11.71 26.05
CA MET A 260 -8.76 10.41 25.75
C MET A 260 -7.91 9.95 26.94
N ASN A 261 -7.31 10.89 27.68
CA ASN A 261 -6.67 10.60 28.95
C ASN A 261 -5.60 9.51 28.89
N PRO A 262 -4.61 9.59 27.98
CA PRO A 262 -3.55 8.61 27.91
C PRO A 262 -2.64 8.60 29.12
N LYS A 263 -2.16 7.40 29.49
CA LYS A 263 -1.31 7.15 30.64
C LYS A 263 -0.15 6.26 30.20
N TYR A 264 1.06 6.48 30.74
CA TYR A 264 2.10 5.50 30.60
C TYR A 264 1.53 4.19 31.16
N PRO A 265 1.68 3.03 30.48
CA PRO A 265 1.08 1.79 30.95
C PRO A 265 1.72 1.25 32.20
N THR A 266 0.93 0.60 33.05
CA THR A 266 1.47 0.03 34.28
C THR A 266 1.78 -1.42 33.96
N VAL A 267 2.88 -1.95 34.49
CA VAL A 267 3.23 -3.31 34.21
C VAL A 267 2.59 -4.23 35.28
N THR A 268 2.44 -5.50 34.92
CA THR A 268 1.80 -6.48 35.79
C THR A 268 2.74 -6.80 36.97
N LYS A 269 2.16 -7.37 38.02
CA LYS A 269 2.93 -7.82 39.19
C LYS A 269 4.09 -8.73 38.77
N GLU A 270 3.81 -9.61 37.79
CA GLU A 270 4.71 -10.70 37.44
C GLU A 270 5.88 -10.15 36.63
N THR A 271 5.59 -9.18 35.77
CA THR A 271 6.66 -8.57 35.00
C THR A 271 7.59 -7.76 35.92
N LEU A 272 7.03 -7.16 36.97
CA LEU A 272 7.82 -6.38 37.91
C LEU A 272 8.88 -7.28 38.57
N GLU A 273 8.49 -8.53 38.85
CA GLU A 273 9.36 -9.49 39.52
C GLU A 273 10.48 -9.95 38.59
N ARG A 274 10.16 -10.30 37.34
CA ARG A 274 11.19 -10.63 36.37
C ARG A 274 12.15 -9.46 36.29
N PHE A 275 11.60 -8.25 36.23
CA PHE A 275 12.43 -7.07 36.12
C PHE A 275 13.41 -6.97 37.30
N GLU A 276 13.00 -7.31 38.53
CA GLU A 276 13.90 -7.26 39.67
C GLU A 276 15.06 -8.23 39.46
N GLY A 277 14.77 -9.39 38.85
CA GLY A 277 15.78 -10.39 38.60
C GLY A 277 16.80 -9.85 37.62
N TYR A 278 16.32 -9.23 36.54
CA TYR A 278 17.21 -8.62 35.57
C TYR A 278 18.03 -7.52 36.25
N ARG A 279 17.45 -6.72 37.12
CA ARG A 279 18.21 -5.67 37.80
C ARG A 279 19.37 -6.22 38.62
N THR A 280 19.12 -7.27 39.42
CA THR A 280 20.20 -7.85 40.22
C THR A 280 21.31 -8.36 39.31
N LYS A 281 20.93 -8.97 38.17
CA LYS A 281 21.91 -9.54 37.25
C LYS A 281 22.82 -8.45 36.71
N LEU A 282 22.23 -7.34 36.32
CA LEU A 282 22.99 -6.25 35.73
C LEU A 282 23.94 -5.68 36.78
N LEU A 283 23.42 -5.53 38.00
CA LEU A 283 24.22 -5.01 39.08
C LEU A 283 25.38 -5.97 39.31
N GLU A 284 25.11 -7.28 39.35
CA GLU A 284 26.16 -8.24 39.64
C GLU A 284 27.21 -8.27 38.52
N GLU A 285 26.76 -8.19 37.26
CA GLU A 285 27.70 -8.21 36.15
C GLU A 285 28.76 -7.11 36.34
N TYR A 286 28.35 -5.96 36.91
CA TYR A 286 29.25 -4.85 37.15
C TYR A 286 29.37 -4.78 38.68
N ASN A 287 30.46 -4.31 39.27
CA ASN A 287 30.61 -4.61 40.66
C ASN A 287 29.70 -3.72 41.52
N TYR A 288 28.39 -3.89 41.37
CA TYR A 288 27.39 -2.99 41.92
C TYR A 288 27.63 -1.53 41.49
N ASP A 289 28.32 -1.31 40.39
CA ASP A 289 28.84 0.02 40.06
C ASP A 289 27.97 0.83 39.10
N LEU A 290 26.67 0.91 39.35
CA LEU A 290 25.74 1.51 38.38
C LEU A 290 24.96 2.63 39.06
N ASP A 291 24.35 3.50 38.29
CA ASP A 291 23.61 4.63 38.85
C ASP A 291 22.15 4.28 39.18
N THR A 292 21.80 4.13 40.44
CA THR A 292 20.46 3.70 40.82
C THR A 292 19.90 4.63 41.91
N ILE A 293 18.59 4.58 42.18
CA ILE A 293 17.99 5.24 43.34
C ILE A 293 18.37 4.41 44.61
N ALA B 2 -29.02 -19.71 -6.95
CA ALA B 2 -29.56 -20.51 -5.84
C ALA B 2 -30.66 -19.73 -5.10
N ASN B 3 -31.55 -20.42 -4.26
CA ASN B 3 -32.79 -19.85 -3.67
C ASN B 3 -33.41 -20.48 -2.38
N ILE B 4 -33.38 -21.80 -2.09
CA ILE B 4 -33.67 -22.26 -0.71
C ILE B 4 -32.47 -21.93 0.19
N TYR B 5 -31.30 -21.71 -0.43
CA TYR B 5 -30.01 -21.43 0.18
C TYR B 5 -29.71 -19.92 0.28
N LYS B 6 -30.47 -19.00 -0.35
CA LYS B 6 -30.19 -17.59 -0.28
C LYS B 6 -30.94 -16.98 0.88
N ILE B 7 -30.24 -16.24 1.74
CA ILE B 7 -30.82 -15.54 2.87
C ILE B 7 -30.64 -14.05 2.61
N ASP B 8 -31.76 -13.33 2.58
CA ASP B 8 -31.80 -11.95 2.15
C ASP B 8 -32.56 -11.03 3.12
N LYS B 9 -32.80 -11.51 4.36
CA LYS B 9 -33.54 -10.79 5.37
C LYS B 9 -32.86 -10.98 6.71
N LEU B 10 -32.92 -9.99 7.57
CA LEU B 10 -32.41 -10.10 8.93
C LEU B 10 -33.24 -11.06 9.76
N ASN B 11 -32.62 -11.80 10.69
CA ASN B 11 -33.30 -12.56 11.75
C ASN B 11 -34.24 -13.60 11.18
N ASN B 12 -33.75 -14.34 10.19
CA ASN B 12 -34.57 -15.18 9.36
C ASN B 12 -33.79 -16.41 8.95
N PHE B 13 -33.11 -17.03 9.90
CA PHE B 13 -32.10 -18.00 9.57
C PHE B 13 -32.05 -19.02 10.70
N ASN B 14 -32.32 -20.28 10.36
CA ASN B 14 -32.18 -21.38 11.29
C ASN B 14 -31.19 -22.42 10.71
N LEU B 15 -30.03 -22.57 11.35
CA LEU B 15 -28.95 -23.39 10.83
C LEU B 15 -29.32 -24.87 10.78
N ASN B 16 -30.14 -25.32 11.74
CA ASN B 16 -30.60 -26.71 11.80
C ASN B 16 -31.42 -27.12 10.58
N ASN B 17 -32.13 -26.17 9.95
CA ASN B 17 -32.86 -26.48 8.72
C ASN B 17 -31.94 -26.54 7.50
N HIS B 18 -30.64 -26.22 7.60
CA HIS B 18 -29.78 -26.18 6.43
C HIS B 18 -28.80 -27.34 6.58
N LYS B 19 -29.17 -28.47 5.97
CA LYS B 19 -28.41 -29.69 6.00
C LYS B 19 -27.11 -29.53 5.21
N THR B 20 -26.08 -30.25 5.67
CA THR B 20 -24.78 -30.20 5.06
C THR B 20 -24.70 -31.08 3.82
N ASP B 21 -25.64 -32.01 3.69
CA ASP B 21 -25.64 -32.95 2.56
C ASP B 21 -26.88 -32.80 1.67
N ASP B 22 -27.60 -31.68 1.73
CA ASP B 22 -28.66 -31.46 0.76
C ASP B 22 -28.06 -31.44 -0.64
N TYR B 23 -28.89 -31.91 -1.61
CA TYR B 23 -28.47 -31.91 -3.01
C TYR B 23 -29.69 -31.73 -3.93
N SER B 24 -30.67 -30.95 -3.48
CA SER B 24 -31.98 -30.89 -4.11
C SER B 24 -31.95 -30.13 -5.42
N LEU B 25 -30.96 -29.25 -5.66
CA LEU B 25 -30.91 -28.57 -6.96
C LEU B 25 -30.45 -29.44 -8.12
N CYS B 26 -29.77 -30.55 -7.90
CA CYS B 26 -29.27 -31.37 -9.00
C CYS B 26 -28.72 -32.67 -8.45
N LYS B 27 -29.52 -33.75 -8.48
CA LYS B 27 -29.22 -35.00 -7.73
C LYS B 27 -28.16 -35.84 -8.46
N ASP B 28 -28.02 -35.60 -9.77
CA ASP B 28 -27.18 -36.43 -10.59
C ASP B 28 -25.86 -35.70 -10.75
N LYS B 29 -24.77 -36.32 -10.32
CA LYS B 29 -23.44 -35.77 -10.33
C LYS B 29 -22.93 -35.49 -11.73
N ASP B 30 -23.17 -36.36 -12.69
CA ASP B 30 -22.65 -36.14 -14.05
C ASP B 30 -23.29 -34.90 -14.70
N THR B 31 -24.61 -34.73 -14.44
CA THR B 31 -25.37 -33.59 -14.90
C THR B 31 -24.73 -32.34 -14.30
N ALA B 32 -24.51 -32.32 -12.98
CA ALA B 32 -23.94 -31.17 -12.29
C ALA B 32 -22.55 -30.80 -12.78
N LEU B 33 -21.72 -31.78 -13.13
CA LEU B 33 -20.40 -31.53 -13.69
C LEU B 33 -20.52 -30.78 -15.02
N GLU B 34 -21.45 -31.19 -15.90
CA GLU B 34 -21.64 -30.54 -17.21
C GLU B 34 -22.21 -29.11 -17.00
N LEU B 35 -23.22 -28.94 -16.14
CA LEU B 35 -23.81 -27.65 -15.87
C LEU B 35 -22.76 -26.69 -15.29
N THR B 36 -21.78 -27.27 -14.55
CA THR B 36 -20.75 -26.47 -13.95
C THR B 36 -19.83 -25.95 -15.08
N GLN B 37 -19.51 -26.78 -16.08
CA GLN B 37 -18.66 -26.35 -17.18
C GLN B 37 -19.34 -25.27 -17.99
N LYS B 38 -20.68 -25.33 -18.16
CA LYS B 38 -21.41 -24.26 -18.85
C LYS B 38 -21.34 -22.94 -18.07
N ASN B 39 -21.63 -23.00 -16.77
CA ASN B 39 -21.58 -21.83 -15.91
C ASN B 39 -20.18 -21.18 -15.97
N ILE B 40 -19.13 -21.96 -16.02
CA ILE B 40 -17.74 -21.49 -16.04
C ILE B 40 -17.43 -20.73 -17.31
N GLN B 41 -17.82 -21.28 -18.48
CA GLN B 41 -17.68 -20.49 -19.70
C GLN B 41 -18.39 -19.13 -19.56
N LYS B 42 -19.61 -19.08 -19.03
CA LYS B 42 -20.35 -17.84 -18.97
C LYS B 42 -19.69 -16.87 -17.99
N ILE B 43 -19.01 -17.37 -16.97
CA ILE B 43 -18.38 -16.52 -15.98
C ILE B 43 -17.22 -15.80 -16.65
N TYR B 44 -16.41 -16.55 -17.36
CA TYR B 44 -15.34 -15.97 -18.17
C TYR B 44 -15.89 -14.89 -19.12
N ASP B 45 -16.98 -15.12 -19.85
CA ASP B 45 -17.51 -14.11 -20.76
C ASP B 45 -17.94 -12.88 -19.98
N TYR B 46 -18.67 -13.02 -18.87
CA TYR B 46 -19.06 -11.87 -18.08
C TYR B 46 -17.83 -11.12 -17.58
N GLN B 47 -16.79 -11.82 -17.19
CA GLN B 47 -15.62 -11.18 -16.65
C GLN B 47 -14.96 -10.28 -17.67
N GLN B 48 -14.91 -10.67 -18.94
CA GLN B 48 -14.30 -9.83 -19.97
C GLN B 48 -15.13 -8.56 -20.18
N LYS B 49 -16.45 -8.67 -20.17
CA LYS B 49 -17.26 -7.48 -20.30
C LYS B 49 -17.14 -6.61 -19.06
N LEU B 50 -17.06 -7.16 -17.87
CA LEU B 50 -16.94 -6.39 -16.64
C LEU B 50 -15.65 -5.59 -16.66
N TYR B 51 -14.54 -6.21 -17.03
CA TYR B 51 -13.24 -5.57 -17.12
C TYR B 51 -13.25 -4.44 -18.15
N ALA B 52 -13.92 -4.63 -19.27
CA ALA B 52 -13.88 -3.63 -20.31
C ALA B 52 -14.69 -2.39 -19.89
N GLU B 53 -15.75 -2.58 -19.14
CA GLU B 53 -16.67 -1.51 -18.80
C GLU B 53 -16.17 -0.64 -17.65
N LYS B 54 -15.35 -1.18 -16.73
CA LYS B 54 -14.81 -0.40 -15.62
C LYS B 54 -15.90 0.36 -14.87
N LYS B 55 -17.07 -0.26 -14.63
CA LYS B 55 -18.14 0.38 -13.87
C LYS B 55 -18.49 -0.23 -12.52
N GLU B 56 -18.20 -1.52 -12.29
CA GLU B 56 -18.65 -2.22 -11.10
C GLU B 56 -17.60 -3.25 -10.70
N GLY B 57 -17.42 -3.42 -9.40
CA GLY B 57 -16.51 -4.38 -8.84
C GLY B 57 -17.27 -5.47 -8.11
N LEU B 58 -16.61 -6.61 -7.91
CA LEU B 58 -17.25 -7.80 -7.35
C LEU B 58 -16.29 -8.42 -6.35
N ILE B 59 -16.82 -8.64 -5.16
CA ILE B 59 -16.11 -9.43 -4.16
C ILE B 59 -16.82 -10.77 -4.07
N ILE B 60 -16.07 -11.86 -4.10
CA ILE B 60 -16.61 -13.20 -3.94
C ILE B 60 -16.00 -13.77 -2.67
N ALA B 61 -16.74 -13.79 -1.58
CA ALA B 61 -16.14 -14.06 -0.28
C ALA B 61 -16.62 -15.42 0.25
N PHE B 62 -15.69 -16.25 0.67
CA PHE B 62 -15.97 -17.58 1.17
C PHE B 62 -15.61 -17.63 2.63
N GLN B 63 -16.58 -17.95 3.47
CA GLN B 63 -16.34 -18.11 4.89
C GLN B 63 -16.81 -19.48 5.39
N ALA B 64 -15.96 -20.22 6.11
CA ALA B 64 -16.25 -21.58 6.52
C ALA B 64 -15.13 -22.16 7.39
N MET B 65 -15.43 -23.32 7.98
CA MET B 65 -14.51 -24.07 8.82
C MET B 65 -13.39 -24.63 7.94
N ASP B 66 -12.28 -25.03 8.55
CA ASP B 66 -11.19 -25.71 7.85
C ASP B 66 -11.71 -26.99 7.17
N ALA B 67 -11.26 -27.17 5.92
CA ALA B 67 -11.61 -28.26 5.01
C ALA B 67 -13.09 -28.32 4.66
N ALA B 68 -13.81 -27.21 4.80
CA ALA B 68 -15.14 -27.10 4.26
C ALA B 68 -15.13 -27.18 2.74
N GLY B 69 -14.09 -26.61 2.09
CA GLY B 69 -13.91 -26.68 0.66
C GLY B 69 -13.64 -25.30 -0.01
N LYS B 70 -13.13 -24.29 0.76
CA LYS B 70 -12.91 -22.96 0.23
C LYS B 70 -11.86 -22.91 -0.89
N ASP B 71 -10.64 -23.37 -0.63
CA ASP B 71 -9.59 -23.34 -1.62
C ASP B 71 -9.91 -24.20 -2.83
N GLY B 72 -10.47 -25.38 -2.67
CA GLY B 72 -10.68 -26.24 -3.83
C GLY B 72 -11.87 -25.73 -4.63
N THR B 73 -12.84 -25.07 -3.99
CA THR B 73 -13.92 -24.50 -4.76
C THR B 73 -13.42 -23.27 -5.54
N ILE B 74 -12.71 -22.37 -4.88
CA ILE B 74 -12.12 -21.21 -5.55
C ILE B 74 -11.25 -21.69 -6.74
N ARG B 75 -10.44 -22.72 -6.56
CA ARG B 75 -9.61 -23.27 -7.60
C ARG B 75 -10.42 -23.90 -8.72
N GLU B 76 -11.38 -24.76 -8.43
CA GLU B 76 -12.03 -25.47 -9.53
C GLU B 76 -13.02 -24.59 -10.29
N VAL B 77 -13.71 -23.67 -9.62
CA VAL B 77 -14.72 -22.86 -10.31
C VAL B 77 -14.12 -21.58 -10.89
N LEU B 78 -13.23 -20.90 -10.17
CA LEU B 78 -12.76 -19.60 -10.63
C LEU B 78 -11.42 -19.63 -11.36
N LYS B 79 -10.80 -20.77 -11.56
CA LYS B 79 -9.61 -20.83 -12.41
C LYS B 79 -10.00 -20.57 -13.88
N ALA B 80 -11.27 -20.56 -14.21
CA ALA B 80 -11.73 -20.13 -15.52
C ALA B 80 -11.36 -18.68 -15.85
N LEU B 81 -11.42 -17.80 -14.84
CA LEU B 81 -11.17 -16.37 -14.93
C LEU B 81 -9.79 -16.15 -15.55
N ALA B 82 -9.68 -15.14 -16.40
CA ALA B 82 -8.40 -14.69 -16.93
C ALA B 82 -7.67 -13.99 -15.79
N PRO B 83 -6.32 -13.83 -15.81
CA PRO B 83 -5.64 -13.18 -14.71
C PRO B 83 -5.96 -11.69 -14.53
N GLN B 84 -6.36 -11.03 -15.62
CA GLN B 84 -6.50 -9.58 -15.60
C GLN B 84 -7.68 -9.20 -14.71
N GLY B 85 -7.40 -8.22 -13.84
CA GLY B 85 -8.40 -7.74 -12.92
C GLY B 85 -8.80 -8.72 -11.81
N VAL B 86 -7.93 -9.65 -11.43
CA VAL B 86 -8.30 -10.62 -10.42
C VAL B 86 -7.28 -10.60 -9.29
N HIS B 87 -7.75 -10.64 -8.02
CA HIS B 87 -6.87 -10.78 -6.86
C HIS B 87 -7.54 -11.81 -5.97
N GLU B 88 -6.76 -12.64 -5.27
CA GLU B 88 -7.29 -13.58 -4.26
C GLU B 88 -6.60 -13.12 -2.97
N LYS B 89 -7.37 -13.02 -1.90
CA LYS B 89 -6.84 -12.52 -0.64
C LYS B 89 -7.27 -13.44 0.47
N PRO B 90 -6.35 -14.29 1.03
CA PRO B 90 -6.64 -15.04 2.23
C PRO B 90 -6.41 -14.18 3.48
N PHE B 91 -7.44 -14.05 4.33
CA PHE B 91 -7.39 -13.48 5.66
C PHE B 91 -6.91 -14.53 6.68
N LYS B 92 -5.61 -14.50 6.95
CA LYS B 92 -5.00 -15.28 8.02
C LYS B 92 -5.09 -14.52 9.34
N SER B 93 -4.48 -15.06 10.39
CA SER B 93 -4.52 -14.34 11.65
C SER B 93 -3.78 -13.01 11.45
N PRO B 94 -4.37 -11.92 11.96
CA PRO B 94 -3.80 -10.60 11.79
C PRO B 94 -2.36 -10.47 12.31
N SER B 95 -1.49 -9.82 11.50
CA SER B 95 -0.17 -9.32 11.93
C SER B 95 -0.28 -8.24 13.02
N SER B 96 0.87 -7.95 13.66
CA SER B 96 1.00 -6.81 14.58
C SER B 96 0.36 -5.52 14.05
N THR B 97 0.75 -5.14 12.83
CA THR B 97 0.29 -3.96 12.15
C THR B 97 -1.22 -3.99 11.88
N GLU B 98 -1.77 -5.13 11.45
CA GLU B 98 -3.18 -5.25 11.23
C GLU B 98 -3.99 -5.14 12.54
N LEU B 99 -3.49 -5.70 13.64
CA LEU B 99 -4.12 -5.57 14.95
C LEU B 99 -4.01 -4.13 15.47
N ALA B 100 -2.98 -3.40 15.07
CA ALA B 100 -2.82 -2.05 15.56
C ALA B 100 -3.80 -1.09 14.87
N HIS B 101 -4.20 -1.41 13.65
CA HIS B 101 -5.27 -0.75 12.95
C HIS B 101 -6.61 -1.36 13.38
N ASP B 102 -7.67 -0.85 12.82
CA ASP B 102 -9.01 -1.29 13.15
C ASP B 102 -9.27 -2.48 12.22
N TYR B 103 -10.23 -3.33 12.54
CA TYR B 103 -10.41 -4.63 11.92
C TYR B 103 -10.83 -4.54 10.47
N LEU B 104 -11.62 -3.56 10.04
CA LEU B 104 -11.96 -3.40 8.64
C LEU B 104 -10.84 -2.80 7.80
N TRP B 105 -9.75 -2.31 8.39
CA TRP B 105 -8.68 -1.67 7.62
C TRP B 105 -8.08 -2.60 6.61
N ARG B 106 -7.67 -3.82 7.03
CA ARG B 106 -7.10 -4.72 6.02
C ARG B 106 -8.14 -5.23 5.01
N VAL B 107 -9.42 -5.24 5.34
CA VAL B 107 -10.38 -5.74 4.39
C VAL B 107 -10.68 -4.70 3.32
N HIS B 108 -10.91 -3.47 3.77
CA HIS B 108 -11.24 -2.39 2.84
C HIS B 108 -10.05 -2.21 1.91
N ASN B 109 -8.80 -2.30 2.39
CA ASN B 109 -7.66 -2.16 1.51
C ASN B 109 -7.78 -3.11 0.32
N ALA B 110 -8.38 -4.29 0.47
CA ALA B 110 -8.34 -5.29 -0.58
C ALA B 110 -9.55 -5.25 -1.52
N VAL B 111 -10.45 -4.29 -1.30
CA VAL B 111 -11.63 -4.15 -2.08
C VAL B 111 -11.20 -3.86 -3.49
N PRO B 112 -11.84 -4.47 -4.49
CA PRO B 112 -11.38 -4.32 -5.86
C PRO B 112 -11.84 -2.99 -6.47
N GLU B 113 -11.11 -2.57 -7.53
CA GLU B 113 -11.47 -1.51 -8.42
C GLU B 113 -12.70 -1.84 -9.24
N LYS B 114 -13.41 -0.81 -9.71
CA LYS B 114 -14.46 -1.02 -10.67
C LYS B 114 -13.90 -1.77 -11.86
N GLY B 115 -14.61 -2.81 -12.30
CA GLY B 115 -14.23 -3.66 -13.41
C GLY B 115 -13.45 -4.90 -12.96
N GLU B 116 -13.23 -5.04 -11.67
CA GLU B 116 -12.36 -6.08 -11.19
C GLU B 116 -13.07 -6.99 -10.18
N ILE B 117 -12.44 -8.15 -9.97
CA ILE B 117 -12.96 -9.18 -9.09
C ILE B 117 -11.89 -9.53 -8.07
N THR B 118 -12.31 -9.53 -6.81
CA THR B 118 -11.41 -9.93 -5.75
C THR B 118 -12.08 -11.08 -5.00
N ILE B 119 -11.30 -12.14 -4.73
CA ILE B 119 -11.80 -13.30 -4.03
C ILE B 119 -11.27 -13.25 -2.63
N PHE B 120 -12.19 -13.43 -1.66
CA PHE B 120 -11.79 -13.42 -0.27
C PHE B 120 -11.91 -14.83 0.26
N ASN B 121 -10.77 -15.36 0.73
CA ASN B 121 -10.75 -16.58 1.47
C ASN B 121 -10.75 -16.26 2.95
N ARG B 122 -11.90 -16.50 3.60
CA ARG B 122 -12.23 -15.83 4.84
C ARG B 122 -12.42 -14.32 4.58
N SER B 123 -12.79 -13.54 5.60
CA SER B 123 -13.20 -12.18 5.38
C SER B 123 -13.22 -11.42 6.68
N HIS B 124 -13.79 -10.20 6.60
CA HIS B 124 -14.12 -9.40 7.73
C HIS B 124 -14.99 -10.14 8.74
N TYR B 125 -15.68 -11.22 8.34
CA TYR B 125 -16.55 -11.95 9.23
C TYR B 125 -15.71 -12.68 10.28
N GLU B 126 -14.41 -12.96 10.05
CA GLU B 126 -13.58 -13.49 11.13
C GLU B 126 -13.74 -12.78 12.48
N ASP B 127 -14.07 -11.49 12.52
CA ASP B 127 -14.16 -10.70 13.75
C ASP B 127 -15.48 -10.86 14.50
N VAL B 128 -16.43 -11.60 13.94
CA VAL B 128 -17.61 -12.04 14.67
C VAL B 128 -17.79 -13.58 14.67
N LEU B 129 -16.72 -14.28 14.28
CA LEU B 129 -16.63 -15.73 14.32
C LEU B 129 -15.55 -16.09 15.33
N ILE B 130 -14.32 -16.39 14.92
CA ILE B 130 -13.25 -16.61 15.92
C ILE B 130 -13.22 -15.44 16.90
N GLY B 131 -13.45 -14.21 16.45
CA GLY B 131 -13.45 -13.09 17.37
C GLY B 131 -14.49 -13.16 18.49
N LYS B 132 -15.68 -13.66 18.15
CA LYS B 132 -16.72 -13.80 19.18
C LYS B 132 -16.50 -15.05 20.07
N VAL B 133 -16.21 -16.18 19.41
CA VAL B 133 -16.00 -17.46 20.09
C VAL B 133 -14.90 -17.42 21.13
N LYS B 134 -13.74 -16.86 20.76
CA LYS B 134 -12.58 -16.75 21.65
C LYS B 134 -12.52 -15.40 22.41
N GLU B 135 -13.50 -14.50 22.15
CA GLU B 135 -13.60 -13.24 22.85
C GLU B 135 -12.26 -12.49 22.77
N LEU B 136 -11.68 -12.40 21.55
CA LEU B 136 -10.31 -11.90 21.41
C LEU B 136 -10.21 -10.43 21.81
N TYR B 137 -11.33 -9.71 21.64
CA TYR B 137 -11.45 -8.31 21.97
C TYR B 137 -11.08 -8.01 23.43
N LYS B 138 -11.19 -8.97 24.34
CA LYS B 138 -10.88 -8.72 25.74
C LYS B 138 -9.37 -8.62 26.01
N PHE B 139 -8.53 -9.14 25.11
CA PHE B 139 -7.08 -9.23 25.31
C PHE B 139 -6.38 -8.22 24.42
N GLN B 140 -7.08 -7.73 23.40
CA GLN B 140 -6.51 -6.77 22.49
C GLN B 140 -6.54 -5.35 23.03
N ASN B 141 -5.64 -4.53 22.50
CA ASN B 141 -5.55 -3.17 22.95
C ASN B 141 -6.72 -2.38 22.39
N LYS B 142 -7.38 -1.58 23.28
CA LYS B 142 -8.48 -0.72 22.90
C LYS B 142 -8.65 0.34 23.98
N ALA B 143 -9.39 1.41 23.67
CA ALA B 143 -9.52 2.47 24.65
C ALA B 143 -10.44 2.03 25.78
N ASP B 144 -10.21 2.61 26.95
CA ASP B 144 -10.89 2.22 28.18
C ASP B 144 -12.39 2.44 28.05
N ARG B 145 -12.81 3.43 27.27
CA ARG B 145 -14.22 3.72 27.06
C ARG B 145 -14.92 2.69 26.16
N ILE B 146 -14.23 1.74 25.52
CA ILE B 146 -14.90 0.75 24.71
C ILE B 146 -15.54 -0.24 25.67
N ASP B 147 -16.85 -0.38 25.58
CA ASP B 147 -17.64 -1.29 26.39
C ASP B 147 -17.54 -2.68 25.78
N GLU B 148 -17.02 -3.65 26.55
CA GLU B 148 -16.74 -4.98 26.03
C GLU B 148 -18.03 -5.71 25.66
N ASN B 149 -19.11 -5.58 26.39
CA ASN B 149 -20.18 -6.47 25.95
C ASN B 149 -21.09 -5.79 24.92
N THR B 150 -20.68 -4.66 24.29
CA THR B 150 -21.36 -4.23 23.07
C THR B 150 -20.40 -4.31 21.89
N VAL B 151 -19.18 -4.81 22.08
CA VAL B 151 -18.24 -4.91 20.97
C VAL B 151 -18.82 -5.76 19.82
N VAL B 152 -19.47 -6.88 20.11
CA VAL B 152 -19.92 -7.74 19.02
C VAL B 152 -21.15 -7.14 18.33
N ASP B 153 -22.11 -6.62 19.08
CA ASP B 153 -23.26 -6.00 18.46
C ASP B 153 -22.88 -4.85 17.55
N ASN B 154 -21.86 -4.09 17.96
CA ASN B 154 -21.44 -2.96 17.13
C ASN B 154 -20.70 -3.45 15.89
N ARG B 155 -20.10 -4.62 15.94
CA ARG B 155 -19.52 -5.16 14.73
C ARG B 155 -20.57 -5.58 13.71
N TYR B 156 -21.71 -6.11 14.16
CA TYR B 156 -22.79 -6.45 13.24
C TYR B 156 -23.29 -5.17 12.57
N GLU B 157 -23.52 -4.10 13.33
CA GLU B 157 -23.98 -2.83 12.77
C GLU B 157 -22.97 -2.30 11.74
N ASP B 158 -21.69 -2.32 12.11
CA ASP B 158 -20.62 -1.73 11.34
C ASP B 158 -20.42 -2.53 10.07
N ILE B 159 -20.52 -3.83 10.16
CA ILE B 159 -20.41 -4.67 8.98
C ILE B 159 -21.59 -4.39 8.06
N ARG B 160 -22.81 -4.34 8.61
CA ARG B 160 -23.92 -4.03 7.71
C ARG B 160 -23.61 -2.73 6.99
N ASN B 161 -23.11 -1.71 7.70
CA ASN B 161 -23.01 -0.36 7.16
C ASN B 161 -21.89 -0.29 6.13
N PHE B 162 -20.81 -1.01 6.40
CA PHE B 162 -19.73 -1.15 5.46
C PHE B 162 -20.20 -1.81 4.18
N GLU B 163 -20.93 -2.90 4.28
CA GLU B 163 -21.35 -3.61 3.06
C GLU B 163 -22.33 -2.76 2.27
N LYS B 164 -23.18 -1.99 2.94
CA LYS B 164 -24.13 -1.12 2.23
C LYS B 164 -23.37 0.04 1.57
N TYR B 165 -22.27 0.48 2.19
CA TYR B 165 -21.43 1.53 1.67
C TYR B 165 -20.85 1.02 0.36
N LEU B 166 -20.33 -0.16 0.34
CA LEU B 166 -19.76 -0.71 -0.86
C LEU B 166 -20.80 -0.80 -1.97
N TYR B 167 -21.96 -1.30 -1.63
CA TYR B 167 -23.03 -1.47 -2.62
C TYR B 167 -23.32 -0.13 -3.29
N ASN B 168 -23.41 0.92 -2.46
CA ASN B 168 -23.74 2.25 -2.96
C ASN B 168 -22.59 2.83 -3.81
N ASN B 169 -21.42 2.18 -3.82
CA ASN B 169 -20.30 2.75 -4.55
C ASN B 169 -19.80 1.76 -5.56
N SER B 170 -20.75 0.95 -6.10
CA SER B 170 -20.50 0.14 -7.24
C SER B 170 -19.62 -1.08 -6.92
N VAL B 171 -19.69 -1.63 -5.71
CA VAL B 171 -19.02 -2.91 -5.42
C VAL B 171 -20.05 -3.87 -4.79
N ARG B 172 -20.33 -5.02 -5.44
CA ARG B 172 -21.18 -6.02 -4.81
C ARG B 172 -20.33 -7.01 -4.02
N ILE B 173 -20.98 -7.65 -3.05
CA ILE B 173 -20.30 -8.76 -2.40
C ILE B 173 -21.18 -10.00 -2.45
N ILE B 174 -20.61 -11.11 -2.85
CA ILE B 174 -21.24 -12.41 -2.69
C ILE B 174 -20.65 -13.03 -1.44
N LYS B 175 -21.53 -13.38 -0.48
CA LYS B 175 -21.07 -14.03 0.73
C LYS B 175 -21.53 -15.47 0.68
N ILE B 176 -20.58 -16.39 0.83
CA ILE B 176 -20.88 -17.79 0.70
C ILE B 176 -20.39 -18.47 1.94
N PHE B 177 -21.31 -19.12 2.68
CA PHE B 177 -20.96 -20.03 3.76
C PHE B 177 -20.99 -21.47 3.26
N LEU B 178 -19.83 -22.12 3.26
CA LEU B 178 -19.75 -23.52 2.93
C LEU B 178 -20.00 -24.31 4.20
N ASN B 179 -21.18 -24.94 4.24
CA ASN B 179 -21.70 -25.55 5.45
C ASN B 179 -21.35 -27.02 5.42
N VAL B 180 -20.21 -27.34 6.04
CA VAL B 180 -19.74 -28.73 6.11
C VAL B 180 -20.03 -29.32 7.50
N SER B 181 -20.23 -30.64 7.58
CA SER B 181 -20.49 -31.34 8.84
C SER B 181 -19.16 -31.62 9.51
N LYS B 182 -19.19 -31.93 10.81
CA LYS B 182 -17.96 -32.24 11.53
C LYS B 182 -17.32 -33.54 11.06
N LYS B 183 -18.14 -34.52 10.76
CA LYS B 183 -17.65 -35.80 10.28
C LYS B 183 -16.98 -35.59 8.94
N GLU B 184 -17.57 -34.79 8.06
CA GLU B 184 -16.93 -34.69 6.75
C GLU B 184 -15.60 -33.93 6.88
N GLN B 185 -15.52 -32.98 7.79
CA GLN B 185 -14.25 -32.30 8.04
C GLN B 185 -13.23 -33.32 8.50
N ALA B 186 -13.64 -34.24 9.35
CA ALA B 186 -12.70 -35.24 9.82
C ALA B 186 -12.20 -36.12 8.69
N GLU B 187 -13.07 -36.45 7.73
CA GLU B 187 -12.61 -37.30 6.63
C GLU B 187 -11.57 -36.53 5.81
N ARG B 188 -11.82 -35.23 5.60
CA ARG B 188 -10.89 -34.48 4.79
C ARG B 188 -9.60 -34.22 5.55
N PHE B 189 -9.64 -34.18 6.89
CA PHE B 189 -8.39 -34.03 7.63
C PHE B 189 -7.56 -35.28 7.50
N LEU B 190 -8.26 -36.40 7.59
CA LEU B 190 -7.61 -37.68 7.42
C LEU B 190 -6.91 -37.71 6.06
N SER B 191 -7.58 -37.19 5.06
CA SER B 191 -6.99 -37.20 3.73
C SER B 191 -5.78 -36.25 3.68
N ARG B 192 -5.82 -35.10 4.36
CA ARG B 192 -4.63 -34.27 4.44
C ARG B 192 -3.46 -34.93 5.17
N ILE B 193 -3.73 -35.84 6.09
CA ILE B 193 -2.68 -36.54 6.78
C ILE B 193 -2.14 -37.69 5.96
N GLU B 194 -2.99 -38.35 5.17
CA GLU B 194 -2.58 -39.61 4.56
C GLU B 194 -1.92 -39.43 3.19
N GLU B 195 -2.18 -38.34 2.48
CA GLU B 195 -1.69 -38.17 1.12
C GLU B 195 -0.51 -37.20 1.11
N PRO B 196 0.68 -37.65 0.70
CA PRO B 196 1.88 -36.83 0.59
C PRO B 196 1.65 -35.41 0.12
N GLU B 197 0.88 -35.29 -0.96
CA GLU B 197 0.74 -34.02 -1.64
C GLU B 197 -0.17 -33.09 -0.87
N LYS B 198 -0.78 -33.54 0.23
CA LYS B 198 -1.64 -32.65 1.00
C LYS B 198 -1.15 -32.41 2.42
N ASN B 199 -0.02 -33.01 2.79
CA ASN B 199 0.49 -32.92 4.17
C ASN B 199 0.68 -31.46 4.60
N TRP B 200 1.20 -30.67 3.68
CA TRP B 200 1.50 -29.29 3.93
C TRP B 200 0.26 -28.54 4.39
N LYS B 201 -0.93 -29.05 4.12
CA LYS B 201 -2.15 -28.27 4.30
C LYS B 201 -2.72 -28.50 5.71
N PHE B 202 -2.14 -29.44 6.45
CA PHE B 202 -2.68 -29.75 7.76
C PHE B 202 -1.87 -29.07 8.84
N SER B 203 -2.51 -28.52 9.87
CA SER B 203 -1.76 -28.03 11.04
C SER B 203 -2.40 -28.43 12.37
N ASP B 204 -1.57 -28.37 13.42
CA ASP B 204 -1.97 -28.71 14.79
C ASP B 204 -3.26 -27.99 15.13
N SER B 205 -3.32 -26.70 14.86
CA SER B 205 -4.42 -25.94 15.41
C SER B 205 -5.72 -26.19 14.62
N ASP B 206 -5.61 -26.81 13.45
CA ASP B 206 -6.80 -27.20 12.68
C ASP B 206 -7.59 -28.23 13.50
N PHE B 207 -6.86 -29.20 14.06
CA PHE B 207 -7.38 -30.29 14.87
C PHE B 207 -7.96 -29.71 16.18
N GLU B 208 -7.30 -28.71 16.78
CA GLU B 208 -7.61 -28.29 18.15
C GLU B 208 -8.85 -27.39 18.13
N GLU B 209 -9.13 -26.77 16.99
CA GLU B 209 -10.33 -25.95 16.88
C GLU B 209 -11.63 -26.75 16.88
N ARG B 210 -11.52 -28.09 16.72
CA ARG B 210 -12.69 -28.96 16.67
C ARG B 210 -13.42 -28.91 18.01
N VAL B 211 -12.67 -28.78 19.11
CA VAL B 211 -13.27 -28.66 20.43
C VAL B 211 -14.22 -27.45 20.51
N TYR B 212 -14.10 -26.46 19.61
CA TYR B 212 -14.99 -25.31 19.65
C TYR B 212 -16.08 -25.40 18.59
N TRP B 213 -16.32 -26.58 18.05
CA TRP B 213 -17.20 -26.70 16.90
C TRP B 213 -18.56 -26.05 17.14
N ASP B 214 -19.23 -26.43 18.25
CA ASP B 214 -20.59 -25.96 18.47
C ASP B 214 -20.63 -24.44 18.64
N LYS B 215 -19.66 -23.85 19.34
CA LYS B 215 -19.63 -22.42 19.49
C LYS B 215 -19.47 -21.74 18.13
N TYR B 216 -18.64 -22.31 17.24
CA TYR B 216 -18.49 -21.72 15.93
C TYR B 216 -19.82 -21.80 15.16
N GLN B 217 -20.52 -22.93 15.27
CA GLN B 217 -21.80 -23.06 14.57
C GLN B 217 -22.77 -21.96 15.03
N GLN B 218 -22.84 -21.70 16.34
CA GLN B 218 -23.72 -20.68 16.86
C GLN B 218 -23.28 -19.29 16.32
N ALA B 219 -21.99 -19.02 16.31
CA ALA B 219 -21.51 -17.77 15.74
C ALA B 219 -21.82 -17.58 14.24
N PHE B 220 -21.84 -18.64 13.43
CA PHE B 220 -22.28 -18.49 12.06
C PHE B 220 -23.78 -18.18 12.04
N GLU B 221 -24.55 -18.86 12.89
CA GLU B 221 -25.98 -18.59 12.93
C GLU B 221 -26.21 -17.10 13.22
N ASP B 222 -25.50 -16.57 14.22
CA ASP B 222 -25.75 -15.20 14.67
C ASP B 222 -25.30 -14.21 13.59
N ALA B 223 -24.16 -14.46 12.96
CA ALA B 223 -23.70 -13.58 11.92
C ALA B 223 -24.71 -13.48 10.78
N ILE B 224 -25.26 -14.62 10.33
CA ILE B 224 -26.10 -14.62 9.16
C ILE B 224 -27.42 -13.95 9.45
N ASN B 225 -27.98 -14.16 10.66
CA ASN B 225 -29.13 -13.45 11.14
C ASN B 225 -28.90 -11.94 11.13
N ALA B 226 -27.68 -11.50 11.39
CA ALA B 226 -27.45 -10.09 11.65
C ALA B 226 -26.97 -9.34 10.40
N THR B 227 -26.55 -10.02 9.33
CA THR B 227 -26.02 -9.28 8.20
C THR B 227 -26.58 -9.73 6.86
N SER B 228 -27.68 -10.48 6.77
CA SER B 228 -28.26 -10.80 5.46
C SER B 228 -29.24 -9.72 5.04
N THR B 229 -29.04 -9.14 3.85
CA THR B 229 -29.91 -8.12 3.27
C THR B 229 -30.15 -8.48 1.80
N LYS B 230 -31.14 -7.81 1.18
CA LYS B 230 -31.40 -7.99 -0.25
C LYS B 230 -30.14 -7.70 -1.07
N ASP B 231 -29.40 -6.64 -0.73
CA ASP B 231 -28.29 -6.22 -1.58
C ASP B 231 -27.05 -6.99 -1.19
N CYS B 232 -27.00 -7.51 0.06
CA CYS B 232 -25.85 -8.24 0.54
C CYS B 232 -26.31 -9.55 1.17
N PRO B 233 -26.81 -10.49 0.36
CA PRO B 233 -27.32 -11.72 0.88
C PRO B 233 -26.23 -12.69 1.29
N TRP B 234 -26.66 -13.67 2.15
CA TRP B 234 -25.82 -14.82 2.43
C TRP B 234 -26.31 -16.01 1.64
N TYR B 235 -25.36 -16.80 1.18
CA TYR B 235 -25.69 -18.07 0.55
C TYR B 235 -25.13 -19.20 1.40
N VAL B 236 -26.00 -20.09 1.86
CA VAL B 236 -25.60 -21.20 2.68
C VAL B 236 -25.56 -22.42 1.79
N VAL B 237 -24.36 -22.86 1.47
CA VAL B 237 -24.19 -23.91 0.50
C VAL B 237 -23.81 -25.18 1.22
N PRO B 238 -24.54 -26.29 1.00
CA PRO B 238 -24.15 -27.58 1.54
C PRO B 238 -22.81 -28.00 0.98
N ALA B 239 -21.87 -28.36 1.87
CA ALA B 239 -20.49 -28.55 1.45
C ALA B 239 -20.02 -30.00 1.59
N ASP B 240 -20.88 -30.93 2.03
CA ASP B 240 -20.45 -32.32 2.20
C ASP B 240 -20.09 -33.03 0.89
N ARG B 241 -20.54 -32.57 -0.28
CA ARG B 241 -20.10 -33.20 -1.53
C ARG B 241 -19.49 -32.12 -2.42
N LYS B 242 -18.27 -32.39 -2.91
CA LYS B 242 -17.49 -31.33 -3.54
C LYS B 242 -18.11 -30.98 -4.90
N TRP B 243 -18.50 -31.99 -5.68
CA TRP B 243 -19.10 -31.74 -6.97
C TRP B 243 -20.36 -30.86 -6.83
N TYR B 244 -21.21 -31.11 -5.82
CA TYR B 244 -22.45 -30.34 -5.67
C TYR B 244 -22.11 -28.89 -5.26
N MET B 245 -21.20 -28.73 -4.32
CA MET B 245 -20.82 -27.41 -3.82
C MET B 245 -20.22 -26.53 -4.93
N ARG B 246 -19.30 -27.07 -5.73
CA ARG B 246 -18.81 -26.40 -6.93
C ARG B 246 -19.95 -26.01 -7.88
N TYR B 247 -20.91 -26.90 -8.10
CA TYR B 247 -21.99 -26.57 -9.01
C TYR B 247 -22.74 -25.38 -8.49
N VAL B 248 -23.14 -25.42 -7.22
CA VAL B 248 -23.96 -24.36 -6.66
C VAL B 248 -23.22 -23.04 -6.63
N VAL B 249 -21.94 -23.03 -6.27
CA VAL B 249 -21.19 -21.78 -6.32
C VAL B 249 -21.07 -21.24 -7.74
N SER B 250 -20.87 -22.08 -8.76
CA SER B 250 -20.84 -21.59 -10.14
C SER B 250 -22.18 -20.89 -10.49
N GLU B 251 -23.30 -21.37 -9.99
CA GLU B 251 -24.60 -20.81 -10.25
C GLU B 251 -24.75 -19.48 -9.54
N ILE B 252 -24.33 -19.36 -8.29
CA ILE B 252 -24.39 -18.07 -7.61
C ILE B 252 -23.53 -17.01 -8.34
N VAL B 253 -22.32 -17.35 -8.74
CA VAL B 253 -21.46 -16.38 -9.39
C VAL B 253 -22.04 -15.96 -10.73
N VAL B 254 -22.49 -16.90 -11.55
CA VAL B 254 -23.13 -16.60 -12.80
C VAL B 254 -24.35 -15.72 -12.59
N LYS B 255 -25.21 -16.04 -11.64
CA LYS B 255 -26.47 -15.30 -11.51
C LYS B 255 -26.13 -13.88 -11.04
N THR B 256 -25.09 -13.67 -10.22
CA THR B 256 -24.78 -12.34 -9.80
C THR B 256 -24.22 -11.54 -10.96
N LEU B 257 -23.31 -12.13 -11.75
CA LEU B 257 -22.74 -11.43 -12.91
C LEU B 257 -23.84 -11.04 -13.90
N GLU B 258 -24.90 -11.86 -13.97
CA GLU B 258 -25.99 -11.56 -14.88
C GLU B 258 -26.84 -10.39 -14.40
N GLU B 259 -27.12 -10.24 -13.11
CA GLU B 259 -27.77 -9.04 -12.57
C GLU B 259 -26.88 -7.79 -12.80
N MET B 260 -25.56 -7.94 -12.68
CA MET B 260 -24.66 -6.80 -12.92
C MET B 260 -24.66 -6.40 -14.39
N ASN B 261 -24.89 -7.36 -15.28
CA ASN B 261 -25.16 -7.08 -16.66
C ASN B 261 -24.12 -6.21 -17.37
N PRO B 262 -22.81 -6.59 -17.32
CA PRO B 262 -21.78 -5.86 -18.00
C PRO B 262 -21.90 -5.92 -19.52
N LYS B 263 -21.47 -4.84 -20.19
CA LYS B 263 -21.48 -4.67 -21.63
C LYS B 263 -20.15 -4.07 -22.08
N TYR B 264 -19.66 -4.46 -23.22
CA TYR B 264 -18.55 -3.77 -23.83
C TYR B 264 -19.04 -2.35 -24.07
N PRO B 265 -18.26 -1.31 -23.72
CA PRO B 265 -18.73 0.08 -23.92
C PRO B 265 -18.81 0.46 -25.38
N THR B 266 -19.75 1.29 -25.75
CA THR B 266 -19.92 1.76 -27.10
C THR B 266 -19.27 3.14 -27.02
N VAL B 267 -18.53 3.54 -28.06
CA VAL B 267 -17.85 4.82 -27.95
C VAL B 267 -18.77 5.95 -28.42
N THR B 268 -18.49 7.19 -28.01
CA THR B 268 -19.36 8.31 -28.36
C THR B 268 -19.35 8.62 -29.88
N LYS B 269 -20.29 9.41 -30.39
CA LYS B 269 -20.36 9.67 -31.81
C LYS B 269 -19.06 10.28 -32.34
N GLU B 270 -18.46 11.12 -31.50
CA GLU B 270 -17.32 11.96 -31.84
C GLU B 270 -16.07 11.10 -31.90
N THR B 271 -15.96 10.15 -30.97
CA THR B 271 -14.82 9.25 -30.98
C THR B 271 -14.88 8.34 -32.20
N LEU B 272 -16.10 7.95 -32.60
CA LEU B 272 -16.27 7.06 -33.72
C LEU B 272 -15.75 7.75 -34.98
N GLU B 273 -15.97 9.04 -35.11
CA GLU B 273 -15.55 9.81 -36.29
C GLU B 273 -14.04 9.94 -36.36
N ARG B 274 -13.39 10.28 -35.24
CA ARG B 274 -11.93 10.26 -35.20
C ARG B 274 -11.44 8.88 -35.63
N PHE B 275 -12.08 7.83 -35.09
CA PHE B 275 -11.69 6.47 -35.40
C PHE B 275 -11.75 6.21 -36.90
N GLU B 276 -12.75 6.73 -37.61
CA GLU B 276 -12.85 6.49 -39.04
C GLU B 276 -11.69 7.16 -39.76
N GLY B 277 -11.26 8.33 -39.25
CA GLY B 277 -10.14 9.06 -39.83
C GLY B 277 -8.87 8.23 -39.63
N TYR B 278 -8.66 7.64 -38.45
CA TYR B 278 -7.52 6.78 -38.24
C TYR B 278 -7.63 5.57 -39.18
N ARG B 279 -8.80 4.99 -39.39
CA ARG B 279 -8.93 3.89 -40.32
C ARG B 279 -8.48 4.23 -41.75
N THR B 280 -8.94 5.35 -42.28
CA THR B 280 -8.57 5.75 -43.63
C THR B 280 -7.05 5.94 -43.71
N LYS B 281 -6.45 6.55 -42.67
CA LYS B 281 -5.02 6.79 -42.65
C LYS B 281 -4.25 5.47 -42.71
N LEU B 282 -4.67 4.51 -41.89
CA LEU B 282 -3.99 3.23 -41.84
C LEU B 282 -4.13 2.50 -43.16
N LEU B 283 -5.33 2.57 -43.75
CA LEU B 283 -5.55 1.96 -45.03
C LEU B 283 -4.68 2.64 -46.05
N GLU B 284 -4.60 3.97 -46.02
CA GLU B 284 -3.81 4.67 -47.04
C GLU B 284 -2.33 4.33 -46.87
N GLU B 285 -1.84 4.23 -45.64
CA GLU B 285 -0.44 3.90 -45.42
C GLU B 285 -0.10 2.61 -46.13
N TYR B 286 -1.04 1.68 -46.22
CA TYR B 286 -0.77 0.36 -46.78
C TYR B 286 -1.47 0.13 -48.12
N ASN B 287 -1.95 1.21 -48.81
CA ASN B 287 -2.76 1.16 -50.04
C ASN B 287 -3.81 0.04 -49.96
N TYR B 288 -4.62 0.13 -48.93
CA TYR B 288 -5.78 -0.71 -48.70
C TYR B 288 -5.42 -2.19 -48.63
N ASP B 289 -4.16 -2.54 -48.37
CA ASP B 289 -3.81 -3.94 -48.19
C ASP B 289 -3.79 -4.36 -46.72
N LEU B 290 -4.93 -4.14 -46.07
CA LEU B 290 -5.21 -4.62 -44.74
C LEU B 290 -6.52 -5.39 -44.82
N ASP B 291 -6.84 -6.15 -43.77
CA ASP B 291 -8.01 -7.02 -43.73
C ASP B 291 -9.29 -6.28 -43.32
N THR B 292 -9.83 -5.39 -44.11
CA THR B 292 -10.93 -4.64 -43.57
C THR B 292 -12.15 -5.55 -43.62
N ILE B 293 -13.11 -5.31 -42.74
CA ILE B 293 -14.41 -5.93 -42.79
C ILE B 293 -15.31 -5.29 -43.85
N ARG B 294 -14.78 -4.40 -44.69
CA ARG B 294 -15.58 -3.70 -45.70
C ARG B 294 -14.88 -3.80 -47.05
N PRO B 295 -14.75 -4.99 -47.65
CA PRO B 295 -13.86 -5.15 -48.81
C PRO B 295 -14.27 -4.38 -50.07
N ILE B 296 -15.52 -3.86 -50.22
CA ILE B 296 -15.92 -3.09 -51.40
C ILE B 296 -15.06 -1.81 -51.63
N GLU B 297 -14.72 -1.12 -50.54
CA GLU B 297 -13.82 0.04 -50.55
C GLU B 297 -12.45 -0.23 -51.20
N LYS B 298 -11.85 -1.41 -50.96
CA LYS B 298 -10.62 -1.82 -51.64
C LYS B 298 -10.64 -1.76 -53.16
N LEU B 299 -11.81 -1.91 -53.84
CA LEU B 299 -11.92 -1.96 -55.31
C LEU B 299 -11.54 -0.65 -56.00
N GLU B 300 -11.76 0.50 -55.33
CA GLU B 300 -11.41 1.82 -55.87
C GLU B 300 -9.87 2.02 -56.10
N HIS B 301 -8.97 1.36 -55.34
CA HIS B 301 -7.64 1.85 -54.96
C HIS B 301 -6.56 1.06 -55.70
N HIS B 302 -5.39 1.67 -56.12
CA HIS B 302 -4.11 1.03 -56.57
C HIS B 302 -3.29 1.98 -57.54
N ALA C 2 36.87 16.31 6.35
CA ALA C 2 37.00 14.87 6.73
C ALA C 2 36.70 14.63 8.23
N ASN C 3 35.38 14.64 8.68
CA ASN C 3 34.91 14.30 10.04
C ASN C 3 35.76 13.13 10.56
N ILE C 4 36.03 13.14 11.87
CA ILE C 4 36.67 12.01 12.56
C ILE C 4 35.66 10.87 12.66
N TYR C 5 34.35 11.22 12.63
CA TYR C 5 33.23 10.29 12.76
C TYR C 5 32.62 9.82 11.41
N LYS C 6 33.00 10.39 10.29
CA LYS C 6 32.43 10.06 8.99
C LYS C 6 33.29 9.02 8.31
N ILE C 7 32.67 7.97 7.82
CA ILE C 7 33.35 6.91 7.09
C ILE C 7 32.76 6.91 5.69
N ASP C 8 33.65 7.09 4.70
CA ASP C 8 33.25 7.34 3.34
C ASP C 8 33.99 6.47 2.32
N LYS C 9 34.63 5.39 2.78
CA LYS C 9 35.36 4.48 1.90
C LYS C 9 35.19 3.06 2.44
N LEU C 10 35.26 2.12 1.52
CA LEU C 10 35.17 0.73 1.86
C LEU C 10 36.42 0.29 2.64
N ASN C 11 36.27 -0.66 3.58
CA ASN C 11 37.38 -1.39 4.16
C ASN C 11 38.35 -0.49 4.91
N ASN C 12 37.79 0.43 5.69
CA ASN C 12 38.56 1.55 6.21
C ASN C 12 38.09 1.93 7.62
N PHE C 13 37.87 0.91 8.45
CA PHE C 13 37.05 1.12 9.62
C PHE C 13 37.48 0.12 10.68
N ASN C 14 37.91 0.65 11.83
CA ASN C 14 38.28 -0.17 12.97
C ASN C 14 37.45 0.29 14.18
N LEU C 15 36.56 -0.56 14.69
CA LEU C 15 35.60 -0.19 15.70
C LEU C 15 36.27 0.13 17.04
N ASN C 16 37.38 -0.55 17.32
CA ASN C 16 38.13 -0.34 18.56
C ASN C 16 38.71 1.08 18.65
N ASN C 17 39.00 1.70 17.51
CA ASN C 17 39.44 3.09 17.49
C ASN C 17 38.31 4.12 17.68
N HIS C 18 37.04 3.72 17.74
CA HIS C 18 35.95 4.69 17.85
C HIS C 18 35.35 4.47 19.23
N LYS C 19 35.81 5.27 20.19
CA LYS C 19 35.43 5.15 21.58
C LYS C 19 33.98 5.63 21.75
N THR C 20 33.29 5.03 22.72
CA THR C 20 31.91 5.32 22.99
C THR C 20 31.73 6.60 23.79
N ASP C 21 32.79 7.07 24.44
CA ASP C 21 32.72 8.26 25.29
C ASP C 21 33.62 9.39 24.77
N ASP C 22 34.03 9.37 23.50
CA ASP C 22 34.64 10.54 22.90
C ASP C 22 33.68 11.73 22.99
N TYR C 23 34.30 12.92 23.13
CA TYR C 23 33.57 14.20 23.20
C TYR C 23 34.41 15.35 22.60
N SER C 24 35.27 15.02 21.61
CA SER C 24 36.34 15.92 21.21
C SER C 24 35.81 17.08 20.36
N LEU C 25 34.63 16.98 19.75
CA LEU C 25 34.11 18.13 18.99
C LEU C 25 33.60 19.28 19.86
N CYS C 26 33.26 19.06 21.13
CA CYS C 26 32.68 20.11 21.96
C CYS C 26 32.59 19.63 23.41
N LYS C 27 33.57 20.02 24.23
CA LYS C 27 33.83 19.43 25.56
C LYS C 27 32.87 19.96 26.62
N ASP C 28 32.33 21.15 26.36
CA ASP C 28 31.48 21.83 27.30
C ASP C 28 30.03 21.55 26.89
N LYS C 29 29.29 20.97 27.82
CA LYS C 29 27.91 20.59 27.61
C LYS C 29 26.99 21.80 27.33
N ASP C 30 27.17 22.91 28.03
CA ASP C 30 26.28 24.06 27.87
C ASP C 30 26.41 24.66 26.46
N THR C 31 27.67 24.71 25.98
CA THR C 31 27.99 25.17 24.63
C THR C 31 27.24 24.27 23.65
N ALA C 32 27.37 22.95 23.80
CA ALA C 32 26.74 22.00 22.89
C ALA C 32 25.21 22.12 22.88
N LEU C 33 24.57 22.34 24.04
CA LEU C 33 23.12 22.51 24.10
C LEU C 33 22.69 23.73 23.27
N GLU C 34 23.41 24.84 23.34
CA GLU C 34 23.04 26.04 22.61
C GLU C 34 23.32 25.83 21.11
N LEU C 35 24.45 25.26 20.73
CA LEU C 35 24.75 24.96 19.32
C LEU C 35 23.69 24.01 18.75
N THR C 36 23.13 23.16 19.59
CA THR C 36 22.14 22.19 19.17
C THR C 36 20.83 22.96 18.88
N GLN C 37 20.48 23.95 19.68
CA GLN C 37 19.29 24.75 19.41
C GLN C 37 19.43 25.52 18.09
N LYS C 38 20.64 26.01 17.78
CA LYS C 38 20.88 26.72 16.53
C LYS C 38 20.72 25.77 15.34
N ASN C 39 21.32 24.58 15.44
CA ASN C 39 21.24 23.57 14.41
C ASN C 39 19.78 23.21 14.11
N ILE C 40 18.95 23.10 15.15
CA ILE C 40 17.52 22.79 15.05
C ILE C 40 16.77 23.87 14.27
N GLN C 41 16.99 25.15 14.60
CA GLN C 41 16.39 26.20 13.81
C GLN C 41 16.74 26.02 12.31
N LYS C 42 18.02 25.79 11.98
CA LYS C 42 18.40 25.73 10.59
C LYS C 42 17.79 24.50 9.90
N ILE C 43 17.54 23.43 10.64
CA ILE C 43 16.98 22.23 10.09
C ILE C 43 15.54 22.48 9.64
N TYR C 44 14.79 23.08 10.52
CA TYR C 44 13.43 23.49 10.19
C TYR C 44 13.43 24.39 8.95
N ASP C 45 14.32 25.40 8.85
CA ASP C 45 14.34 26.24 7.66
C ASP C 45 14.63 25.42 6.42
N TYR C 46 15.64 24.52 6.44
CA TYR C 46 15.95 23.72 5.29
C TYR C 46 14.78 22.83 4.93
N GLN C 47 14.06 22.29 5.92
CA GLN C 47 12.93 21.42 5.60
C GLN C 47 11.83 22.14 4.85
N GLN C 48 11.54 23.40 5.18
CA GLN C 48 10.49 24.12 4.46
C GLN C 48 10.90 24.38 2.99
N LYS C 49 12.19 24.66 2.77
CA LYS C 49 12.63 24.83 1.41
C LYS C 49 12.62 23.51 0.66
N LEU C 50 13.02 22.42 1.31
CA LEU C 50 13.03 21.13 0.65
C LEU C 50 11.62 20.71 0.22
N TYR C 51 10.64 20.88 1.09
CA TYR C 51 9.26 20.51 0.81
C TYR C 51 8.72 21.33 -0.36
N ALA C 52 9.12 22.60 -0.45
CA ALA C 52 8.54 23.45 -1.47
C ALA C 52 9.08 23.10 -2.84
N GLU C 53 10.35 22.72 -2.90
CA GLU C 53 11.05 22.50 -4.16
C GLU C 53 10.67 21.15 -4.80
N LYS C 54 10.34 20.12 -3.97
CA LYS C 54 9.89 18.82 -4.49
C LYS C 54 10.92 18.23 -5.44
N LYS C 55 12.23 18.33 -5.13
CA LYS C 55 13.27 17.81 -5.98
C LYS C 55 14.09 16.64 -5.42
N GLU C 56 14.22 16.56 -4.09
CA GLU C 56 15.11 15.60 -3.46
C GLU C 56 14.49 15.14 -2.15
N GLY C 57 14.73 13.89 -1.83
CA GLY C 57 14.22 13.26 -0.63
C GLY C 57 15.37 12.87 0.26
N LEU C 58 15.06 12.67 1.55
CA LEU C 58 16.10 12.41 2.55
C LEU C 58 15.61 11.33 3.48
N ILE C 59 16.48 10.31 3.63
CA ILE C 59 16.33 9.33 4.67
C ILE C 59 17.34 9.62 5.77
N ILE C 60 16.90 9.62 7.02
CA ILE C 60 17.77 9.75 8.15
C ILE C 60 17.65 8.43 8.91
N ALA C 61 18.67 7.57 8.84
CA ALA C 61 18.52 6.22 9.38
C ALA C 61 19.41 6.02 10.60
N PHE C 62 18.83 5.53 11.70
CA PHE C 62 19.56 5.29 12.92
C PHE C 62 19.62 3.80 13.19
N GLN C 63 20.82 3.27 13.37
CA GLN C 63 21.01 1.85 13.59
C GLN C 63 21.90 1.64 14.81
N ALA C 64 21.46 0.84 15.78
CA ALA C 64 22.19 0.72 17.05
C ALA C 64 21.51 -0.28 17.97
N MET C 65 22.22 -0.63 19.04
CA MET C 65 21.72 -1.50 20.09
C MET C 65 20.60 -0.79 20.87
N ASP C 66 19.82 -1.56 21.62
CA ASP C 66 18.82 -1.00 22.50
C ASP C 66 19.45 -0.08 23.55
N ALA C 67 18.77 1.04 23.76
CA ALA C 67 19.11 2.12 24.69
C ALA C 67 20.43 2.78 24.35
N ALA C 68 20.84 2.69 23.08
CA ALA C 68 21.93 3.51 22.60
C ALA C 68 21.49 4.95 22.59
N GLY C 69 20.21 5.22 22.24
CA GLY C 69 19.67 6.58 22.22
C GLY C 69 18.93 6.95 20.93
N LYS C 70 18.41 5.98 20.16
CA LYS C 70 17.78 6.23 18.87
C LYS C 70 16.48 7.04 19.01
N ASP C 71 15.49 6.54 19.77
CA ASP C 71 14.25 7.27 19.96
C ASP C 71 14.45 8.62 20.64
N GLY C 72 15.30 8.72 21.68
CA GLY C 72 15.48 9.96 22.40
C GLY C 72 16.15 10.99 21.50
N THR C 73 17.07 10.52 20.65
CA THR C 73 17.76 11.45 19.77
C THR C 73 16.80 11.90 18.66
N ILE C 74 16.09 10.95 18.00
CA ILE C 74 15.10 11.30 16.98
C ILE C 74 14.11 12.33 17.54
N ARG C 75 13.67 12.09 18.77
CA ARG C 75 12.71 12.96 19.40
C ARG C 75 13.30 14.33 19.69
N GLU C 76 14.44 14.39 20.34
CA GLU C 76 14.92 15.70 20.77
C GLU C 76 15.45 16.55 19.59
N VAL C 77 16.06 15.96 18.57
CA VAL C 77 16.65 16.73 17.48
C VAL C 77 15.61 17.02 16.40
N LEU C 78 14.80 16.03 16.01
CA LEU C 78 13.98 16.21 14.83
C LEU C 78 12.51 16.49 15.17
N LYS C 79 12.16 16.74 16.44
CA LYS C 79 10.85 17.27 16.76
C LYS C 79 10.73 18.73 16.29
N ALA C 80 11.83 19.33 15.87
CA ALA C 80 11.83 20.64 15.21
C ALA C 80 10.99 20.64 13.93
N LEU C 81 11.01 19.51 13.21
CA LEU C 81 10.36 19.35 11.92
C LEU C 81 8.87 19.60 12.06
N ALA C 82 8.32 20.26 11.06
CA ALA C 82 6.88 20.46 10.94
C ALA C 82 6.32 19.13 10.48
N PRO C 83 5.03 18.80 10.69
CA PRO C 83 4.48 17.51 10.31
C PRO C 83 4.51 17.21 8.81
N GLN C 84 4.52 18.27 7.97
CA GLN C 84 4.34 18.06 6.54
C GLN C 84 5.58 17.40 5.97
N GLY C 85 5.33 16.38 5.16
CA GLY C 85 6.45 15.71 4.53
C GLY C 85 7.29 14.81 5.44
N VAL C 86 6.78 14.33 6.58
CA VAL C 86 7.64 13.64 7.52
C VAL C 86 6.96 12.35 7.89
N HIS C 87 7.72 11.25 7.88
CA HIS C 87 7.26 9.94 8.31
C HIS C 87 8.40 9.41 9.17
N GLU C 88 8.05 8.70 10.25
CA GLU C 88 9.01 7.94 11.03
C GLU C 88 8.62 6.49 10.85
N LYS C 89 9.60 5.64 10.58
CA LYS C 89 9.33 4.23 10.32
C LYS C 89 10.23 3.36 11.16
N PRO C 90 9.72 2.73 12.25
CA PRO C 90 10.49 1.72 13.00
C PRO C 90 10.42 0.36 12.31
N PHE C 91 11.55 -0.22 11.93
CA PHE C 91 11.70 -1.60 11.48
C PHE C 91 11.81 -2.53 12.70
N LYS C 92 10.67 -3.10 13.10
CA LYS C 92 10.60 -4.15 14.11
C LYS C 92 10.83 -5.51 13.48
N SER C 93 10.68 -6.56 14.26
CA SER C 93 10.72 -7.90 13.70
C SER C 93 9.72 -8.02 12.55
N PRO C 94 10.18 -8.57 11.41
CA PRO C 94 9.31 -8.71 10.25
C PRO C 94 8.08 -9.56 10.51
N SER C 95 6.91 -9.08 10.06
CA SER C 95 5.68 -9.88 9.93
C SER C 95 5.83 -11.06 8.96
N SER C 96 4.87 -11.97 9.01
CA SER C 96 4.80 -13.08 8.05
C SER C 96 4.85 -12.59 6.58
N THR C 97 4.04 -11.58 6.27
CA THR C 97 4.02 -10.97 4.94
C THR C 97 5.35 -10.35 4.53
N GLU C 98 6.02 -9.64 5.43
CA GLU C 98 7.32 -9.04 5.16
C GLU C 98 8.39 -10.10 4.96
N LEU C 99 8.35 -11.22 5.68
CA LEU C 99 9.29 -12.30 5.48
C LEU C 99 8.98 -13.04 4.16
N ALA C 100 7.75 -13.02 3.71
CA ALA C 100 7.42 -13.73 2.48
C ALA C 100 7.90 -12.96 1.27
N HIS C 101 8.07 -11.66 1.42
CA HIS C 101 8.70 -10.82 0.42
C HIS C 101 10.20 -10.82 0.65
N ASP C 102 10.91 -10.13 -0.23
CA ASP C 102 12.36 -10.06 -0.14
C ASP C 102 12.66 -8.96 0.86
N TYR C 103 13.83 -8.94 1.50
CA TYR C 103 14.10 -8.14 2.69
C TYR C 103 14.08 -6.64 2.39
N LEU C 104 14.51 -6.15 1.23
CA LEU C 104 14.39 -4.73 0.92
C LEU C 104 12.99 -4.29 0.51
N TRP C 105 12.01 -5.20 0.38
CA TRP C 105 10.67 -4.79 -0.04
C TRP C 105 10.06 -3.81 0.98
N ARG C 106 10.11 -4.13 2.27
CA ARG C 106 9.50 -3.21 3.25
C ARG C 106 10.32 -1.93 3.36
N VAL C 107 11.61 -1.96 3.05
CA VAL C 107 12.36 -0.73 3.15
C VAL C 107 12.08 0.23 2.01
N HIS C 108 12.13 -0.29 0.82
CA HIS C 108 11.90 0.49 -0.39
C HIS C 108 10.51 1.09 -0.33
N ASN C 109 9.50 0.37 0.15
CA ASN C 109 8.17 0.91 0.28
C ASN C 109 8.21 2.19 1.09
N ALA C 110 9.09 2.33 2.09
CA ALA C 110 9.01 3.49 2.98
C ALA C 110 9.94 4.65 2.57
N VAL C 111 10.60 4.52 1.42
CA VAL C 111 11.46 5.57 0.91
C VAL C 111 10.59 6.79 0.66
N PRO C 112 11.08 7.98 0.97
CA PRO C 112 10.28 9.17 0.87
C PRO C 112 10.15 9.70 -0.56
N GLU C 113 9.10 10.53 -0.75
CA GLU C 113 8.92 11.31 -1.95
C GLU C 113 9.95 12.40 -2.06
N LYS C 114 10.22 12.87 -3.28
CA LYS C 114 11.03 14.06 -3.40
C LYS C 114 10.35 15.20 -2.63
N GLY C 115 11.15 15.91 -1.85
CA GLY C 115 10.67 16.99 -1.02
C GLY C 115 10.41 16.54 0.41
N GLU C 116 10.57 15.26 0.69
CA GLU C 116 10.13 14.75 1.98
C GLU C 116 11.27 14.04 2.69
N ILE C 117 11.04 13.86 4.00
CA ILE C 117 11.98 13.26 4.88
C ILE C 117 11.31 12.07 5.56
N THR C 118 12.04 10.96 5.55
CA THR C 118 11.62 9.78 6.27
C THR C 118 12.72 9.41 7.25
N ILE C 119 12.32 9.15 8.50
CA ILE C 119 13.25 8.75 9.53
C ILE C 119 13.13 7.25 9.75
N PHE C 120 14.25 6.55 9.73
CA PHE C 120 14.25 5.10 9.92
C PHE C 120 14.85 4.77 11.27
N ASN C 121 14.02 4.13 12.11
CA ASN C 121 14.50 3.60 13.38
C ASN C 121 14.83 2.11 13.20
N ARG C 122 16.12 1.81 13.12
CA ARG C 122 16.64 0.61 12.48
C ARG C 122 16.33 0.69 10.99
N SER C 123 16.78 -0.31 10.22
CA SER C 123 16.85 -0.13 8.78
C SER C 123 17.03 -1.47 8.08
N HIS C 124 17.29 -1.42 6.79
CA HIS C 124 17.65 -2.56 6.01
C HIS C 124 18.92 -3.21 6.53
N TYR C 125 19.71 -2.52 7.35
CA TYR C 125 20.95 -3.09 7.90
C TYR C 125 20.59 -4.19 8.91
N GLU C 126 19.34 -4.28 9.40
CA GLU C 126 18.93 -5.40 10.22
C GLU C 126 19.35 -6.76 9.67
N ASP C 127 19.39 -6.89 8.34
CA ASP C 127 19.59 -8.18 7.70
C ASP C 127 21.08 -8.55 7.56
N VAL C 128 21.99 -7.69 7.99
CA VAL C 128 23.41 -8.02 8.14
C VAL C 128 23.93 -7.74 9.56
N LEU C 129 22.99 -7.51 10.49
CA LEU C 129 23.24 -7.39 11.91
C LEU C 129 22.60 -8.60 12.59
N ILE C 130 21.41 -8.46 13.19
CA ILE C 130 20.76 -9.64 13.77
C ILE C 130 20.70 -10.75 12.73
N GLY C 131 20.49 -10.43 11.46
CA GLY C 131 20.44 -11.48 10.43
C GLY C 131 21.75 -12.26 10.30
N LYS C 132 22.90 -11.61 10.43
CA LYS C 132 24.18 -12.34 10.35
C LYS C 132 24.52 -13.05 11.67
N VAL C 133 24.34 -12.35 12.79
CA VAL C 133 24.66 -12.87 14.11
C VAL C 133 23.89 -14.13 14.46
N LYS C 134 22.57 -14.10 14.23
CA LYS C 134 21.71 -15.25 14.47
C LYS C 134 21.49 -16.14 13.24
N GLU C 135 22.11 -15.79 12.10
CA GLU C 135 22.07 -16.62 10.91
C GLU C 135 20.62 -16.95 10.55
N LEU C 136 19.74 -15.96 10.54
CA LEU C 136 18.31 -16.20 10.38
C LEU C 136 17.98 -16.79 9.01
N TYR C 137 18.81 -16.47 8.02
CA TYR C 137 18.67 -16.94 6.65
C TYR C 137 18.66 -18.47 6.56
N LYS C 138 19.28 -19.18 7.50
CA LYS C 138 19.31 -20.64 7.47
C LYS C 138 17.96 -21.27 7.85
N PHE C 139 17.04 -20.55 8.50
CA PHE C 139 15.76 -21.08 8.99
C PHE C 139 14.61 -20.55 8.13
N GLN C 140 14.87 -19.48 7.38
CA GLN C 140 13.85 -18.89 6.55
C GLN C 140 13.66 -19.64 5.23
N ASN C 141 12.46 -19.50 4.65
CA ASN C 141 12.20 -20.12 3.38
C ASN C 141 12.97 -19.39 2.29
N LYS C 142 13.57 -20.19 1.39
CA LYS C 142 14.34 -19.67 0.26
C LYS C 142 14.53 -20.78 -0.76
N ALA C 143 14.93 -20.41 -1.98
CA ALA C 143 15.03 -21.39 -3.04
C ALA C 143 16.25 -22.24 -2.80
N ASP C 144 16.20 -23.49 -3.24
CA ASP C 144 17.24 -24.45 -2.90
C ASP C 144 18.57 -24.02 -3.53
N ARG C 145 18.51 -23.27 -4.65
CA ARG C 145 19.71 -22.82 -5.34
C ARG C 145 20.40 -21.66 -4.61
N ILE C 146 19.80 -21.06 -3.58
CA ILE C 146 20.46 -19.99 -2.82
C ILE C 146 21.54 -20.62 -1.96
N ASP C 147 22.78 -20.23 -2.20
CA ASP C 147 23.95 -20.78 -1.51
C ASP C 147 24.11 -20.03 -0.18
N GLU C 148 24.08 -20.76 0.94
CA GLU C 148 24.04 -20.13 2.25
C GLU C 148 25.32 -19.38 2.62
N ASN C 149 26.46 -19.88 2.15
CA ASN C 149 27.75 -19.27 2.39
C ASN C 149 27.91 -17.89 1.75
N THR C 150 27.05 -17.50 0.79
CA THR C 150 27.24 -16.21 0.12
C THR C 150 26.06 -15.30 0.41
N VAL C 151 25.13 -15.71 1.29
CA VAL C 151 23.96 -14.86 1.52
C VAL C 151 24.37 -13.51 2.07
N VAL C 152 25.31 -13.46 3.04
CA VAL C 152 25.67 -12.20 3.65
C VAL C 152 26.49 -11.32 2.70
N ASP C 153 27.45 -11.89 1.98
CA ASP C 153 28.25 -11.11 1.05
C ASP C 153 27.37 -10.46 -0.01
N ASN C 154 26.33 -11.20 -0.48
CA ASN C 154 25.50 -10.66 -1.54
C ASN C 154 24.55 -9.62 -0.96
N ARG C 155 24.26 -9.63 0.34
CA ARG C 155 23.50 -8.55 0.93
C ARG C 155 24.33 -7.27 1.00
N TYR C 156 25.63 -7.37 1.27
CA TYR C 156 26.47 -6.16 1.22
C TYR C 156 26.45 -5.58 -0.19
N GLU C 157 26.60 -6.39 -1.23
CA GLU C 157 26.57 -5.90 -2.60
C GLU C 157 25.22 -5.24 -2.92
N ASP C 158 24.14 -5.90 -2.55
CA ASP C 158 22.78 -5.51 -2.87
C ASP C 158 22.45 -4.21 -2.13
N ILE C 159 22.91 -4.11 -0.89
CA ILE C 159 22.72 -2.90 -0.12
C ILE C 159 23.50 -1.75 -0.77
N ARG C 160 24.75 -1.99 -1.12
CA ARG C 160 25.47 -0.92 -1.79
C ARG C 160 24.69 -0.46 -3.01
N ASN C 161 24.18 -1.40 -3.81
CA ASN C 161 23.59 -1.07 -5.09
C ASN C 161 22.24 -0.36 -4.92
N PHE C 162 21.52 -0.79 -3.91
CA PHE C 162 20.26 -0.14 -3.57
C PHE C 162 20.49 1.30 -3.16
N GLU C 163 21.49 1.52 -2.30
CA GLU C 163 21.70 2.88 -1.81
C GLU C 163 22.18 3.78 -2.94
N LYS C 164 23.01 3.27 -3.85
CA LYS C 164 23.48 4.06 -4.98
C LYS C 164 22.33 4.26 -5.97
N TYR C 165 21.38 3.32 -6.06
CA TYR C 165 20.20 3.53 -6.90
C TYR C 165 19.42 4.72 -6.38
N LEU C 166 19.20 4.77 -5.09
CA LEU C 166 18.48 5.87 -4.52
C LEU C 166 19.19 7.18 -4.76
N TYR C 167 20.51 7.19 -4.54
CA TYR C 167 21.27 8.41 -4.72
C TYR C 167 21.05 8.95 -6.13
N ASN C 168 21.09 8.05 -7.12
CA ASN C 168 20.96 8.46 -8.51
C ASN C 168 19.52 8.87 -8.83
N ASN C 169 18.58 8.66 -7.91
CA ASN C 169 17.21 9.05 -8.22
C ASN C 169 16.70 10.02 -7.18
N SER C 170 17.63 10.87 -6.70
CA SER C 170 17.28 12.01 -5.89
C SER C 170 16.80 11.64 -4.48
N VAL C 171 17.27 10.54 -3.89
CA VAL C 171 17.09 10.29 -2.47
C VAL C 171 18.42 10.07 -1.77
N ARG C 172 18.77 10.93 -0.79
CA ARG C 172 19.96 10.72 0.00
C ARG C 172 19.65 9.92 1.23
N ILE C 173 20.67 9.28 1.76
CA ILE C 173 20.50 8.63 3.03
C ILE C 173 21.64 9.05 3.96
N ILE C 174 21.30 9.44 5.18
CA ILE C 174 22.22 9.58 6.29
C ILE C 174 22.16 8.29 7.09
N LYS C 175 23.32 7.63 7.27
CA LYS C 175 23.38 6.44 8.11
C LYS C 175 24.13 6.77 9.39
N ILE C 176 23.49 6.52 10.52
CA ILE C 176 24.05 6.91 11.79
C ILE C 176 24.08 5.69 12.69
N PHE C 177 25.30 5.30 13.11
CA PHE C 177 25.49 4.31 14.17
C PHE C 177 25.72 5.03 15.50
N LEU C 178 24.82 4.84 16.45
CA LEU C 178 24.99 5.32 17.80
C LEU C 178 25.77 4.26 18.56
N ASN C 179 27.01 4.62 18.88
CA ASN C 179 27.99 3.66 19.37
C ASN C 179 28.04 3.76 20.88
N VAL C 180 27.22 2.92 21.55
CA VAL C 180 27.12 2.92 23.01
C VAL C 180 27.89 1.74 23.58
N SER C 181 28.41 1.89 24.81
CA SER C 181 29.18 0.85 25.48
C SER C 181 28.19 -0.06 26.18
N LYS C 182 28.63 -1.27 26.54
CA LYS C 182 27.77 -2.22 27.22
C LYS C 182 27.40 -1.75 28.62
N LYS C 183 28.35 -1.13 29.34
CA LYS C 183 28.04 -0.67 30.68
C LYS C 183 27.01 0.47 30.58
N GLU C 184 27.15 1.37 29.60
CA GLU C 184 26.19 2.45 29.57
C GLU C 184 24.78 1.92 29.22
N GLN C 185 24.71 0.91 28.36
CA GLN C 185 23.43 0.29 28.05
C GLN C 185 22.82 -0.26 29.34
N ALA C 186 23.64 -0.89 30.16
CA ALA C 186 23.10 -1.45 31.37
C ALA C 186 22.56 -0.35 32.28
N GLU C 187 23.22 0.80 32.32
CA GLU C 187 22.72 1.86 33.19
C GLU C 187 21.35 2.30 32.69
N ARG C 188 21.21 2.43 31.39
CA ARG C 188 19.96 2.90 30.85
C ARG C 188 18.88 1.85 30.99
N PHE C 189 19.25 0.56 30.98
CA PHE C 189 18.22 -0.44 31.20
C PHE C 189 17.73 -0.38 32.64
N LEU C 190 18.69 -0.21 33.54
CA LEU C 190 18.36 -0.06 34.94
C LEU C 190 17.39 1.12 35.12
N SER C 191 17.63 2.19 34.38
CA SER C 191 16.75 3.34 34.46
C SER C 191 15.36 2.98 33.91
N ARG C 192 15.27 2.20 32.81
CA ARG C 192 13.97 1.76 32.31
C ARG C 192 13.22 0.88 33.31
N ILE C 193 13.95 0.15 34.16
CA ILE C 193 13.31 -0.68 35.14
C ILE C 193 12.88 0.12 36.35
N GLU C 194 13.64 1.16 36.74
CA GLU C 194 13.43 1.77 38.04
C GLU C 194 12.44 2.94 37.99
N GLU C 195 12.24 3.54 36.82
CA GLU C 195 11.29 4.64 36.64
C GLU C 195 10.00 4.14 36.03
N PRO C 196 8.88 4.21 36.79
CA PRO C 196 7.56 3.82 36.31
C PRO C 196 7.24 4.24 34.89
N GLU C 197 7.57 5.48 34.53
CA GLU C 197 7.15 6.03 33.26
C GLU C 197 7.99 5.47 32.11
N LYS C 198 9.01 4.66 32.42
CA LYS C 198 9.77 4.03 31.33
C LYS C 198 9.64 2.50 31.30
N ASN C 199 8.87 1.91 32.21
CA ASN C 199 8.76 0.46 32.31
C ASN C 199 8.28 -0.14 30.98
N TRP C 200 7.34 0.52 30.33
CA TRP C 200 6.78 0.03 29.09
C TRP C 200 7.87 -0.22 28.06
N LYS C 201 9.04 0.40 28.21
CA LYS C 201 10.06 0.40 27.17
C LYS C 201 10.99 -0.80 27.31
N PHE C 202 10.84 -1.54 28.41
CA PHE C 202 11.79 -2.60 28.70
C PHE C 202 11.14 -3.94 28.38
N SER C 203 11.90 -4.84 27.74
CA SER C 203 11.39 -6.19 27.52
C SER C 203 12.47 -7.25 27.79
N ASP C 204 11.98 -8.47 28.04
CA ASP C 204 12.82 -9.63 28.28
C ASP C 204 13.92 -9.71 27.21
N SER C 205 13.57 -9.59 25.94
CA SER C 205 14.57 -9.95 24.95
C SER C 205 15.61 -8.84 24.78
N ASP C 206 15.33 -7.64 25.32
CA ASP C 206 16.31 -6.58 25.31
C ASP C 206 17.53 -7.02 26.15
N PHE C 207 17.24 -7.59 27.33
CA PHE C 207 18.21 -8.11 28.28
C PHE C 207 18.96 -9.31 27.67
N GLU C 208 18.26 -10.19 26.92
CA GLU C 208 18.80 -11.47 26.51
C GLU C 208 19.73 -11.26 25.32
N GLU C 209 19.56 -10.17 24.58
CA GLU C 209 20.45 -9.91 23.46
C GLU C 209 21.85 -9.47 23.88
N ARG C 210 22.02 -9.16 25.17
CA ARG C 210 23.30 -8.75 25.72
C ARG C 210 24.32 -9.87 25.55
N VAL C 211 23.87 -11.12 25.68
CA VAL C 211 24.73 -12.28 25.52
C VAL C 211 25.40 -12.28 24.13
N TYR C 212 24.82 -11.57 23.15
CA TYR C 212 25.42 -11.57 21.82
C TYR C 212 26.21 -10.30 21.55
N TRP C 213 26.55 -9.56 22.60
CA TRP C 213 27.16 -8.25 22.43
C TRP C 213 28.32 -8.26 21.44
N ASP C 214 29.30 -9.13 21.68
CA ASP C 214 30.54 -9.08 20.91
C ASP C 214 30.26 -9.41 19.44
N LYS C 215 29.39 -10.38 19.18
CA LYS C 215 29.06 -10.73 17.81
C LYS C 215 28.38 -9.54 17.13
N TYR C 216 27.52 -8.80 17.85
CA TYR C 216 26.90 -7.64 17.25
C TYR C 216 27.94 -6.58 16.93
N GLN C 217 28.92 -6.38 17.82
CA GLN C 217 29.99 -5.41 17.55
C GLN C 217 30.72 -5.79 16.25
N GLN C 218 31.04 -7.07 16.07
CA GLN C 218 31.72 -7.50 14.85
C GLN C 218 30.83 -7.26 13.63
N ALA C 219 29.55 -7.57 13.73
CA ALA C 219 28.67 -7.33 12.60
C ALA C 219 28.52 -5.85 12.25
N PHE C 220 28.58 -4.93 13.22
CA PHE C 220 28.60 -3.51 12.88
C PHE C 220 29.89 -3.16 12.16
N GLU C 221 31.01 -3.73 12.62
CA GLU C 221 32.28 -3.40 12.00
C GLU C 221 32.21 -3.86 10.54
N ASP C 222 31.69 -5.04 10.28
CA ASP C 222 31.73 -5.59 8.93
C ASP C 222 30.79 -4.81 8.02
N ALA C 223 29.61 -4.46 8.55
CA ALA C 223 28.69 -3.67 7.77
C ALA C 223 29.29 -2.34 7.33
N ILE C 224 29.97 -1.64 8.27
CA ILE C 224 30.45 -0.30 7.98
C ILE C 224 31.61 -0.35 7.00
N ASN C 225 32.50 -1.34 7.14
CA ASN C 225 33.52 -1.63 6.15
C ASN C 225 32.93 -1.84 4.76
N ALA C 226 31.74 -2.47 4.67
CA ALA C 226 31.31 -2.98 3.38
C ALA C 226 30.35 -2.00 2.69
N THR C 227 29.79 -1.00 3.39
CA THR C 227 28.80 -0.16 2.73
C THR C 227 29.04 1.34 2.84
N SER C 228 30.24 1.79 3.24
CA SER C 228 30.54 3.20 3.33
C SER C 228 31.06 3.67 2.00
N THR C 229 30.43 4.72 1.46
CA THR C 229 30.85 5.37 0.21
C THR C 229 30.78 6.87 0.42
N LYS C 230 31.38 7.60 -0.54
CA LYS C 230 31.30 9.06 -0.56
C LYS C 230 29.82 9.50 -0.58
N ASP C 231 28.98 8.84 -1.39
CA ASP C 231 27.62 9.30 -1.57
C ASP C 231 26.73 8.75 -0.46
N CYS C 232 27.14 7.63 0.17
CA CYS C 232 26.36 7.03 1.23
C CYS C 232 27.24 6.70 2.41
N PRO C 233 27.75 7.72 3.11
CA PRO C 233 28.66 7.51 4.20
C PRO C 233 27.98 6.97 5.45
N TRP C 234 28.82 6.39 6.32
CA TRP C 234 28.38 6.09 7.66
C TRP C 234 28.94 7.10 8.65
N TYR C 235 28.17 7.37 9.68
CA TYR C 235 28.61 8.22 10.75
C TYR C 235 28.57 7.40 12.02
N VAL C 236 29.71 7.33 12.67
CA VAL C 236 29.81 6.61 13.91
C VAL C 236 29.86 7.61 15.05
N VAL C 237 28.76 7.69 15.77
CA VAL C 237 28.60 8.71 16.76
C VAL C 237 28.74 8.12 18.14
N PRO C 238 29.63 8.65 19.00
CA PRO C 238 29.73 8.23 20.38
C PRO C 238 28.45 8.48 21.12
N ALA C 239 27.91 7.47 21.79
CA ALA C 239 26.54 7.54 22.31
C ALA C 239 26.48 7.48 23.83
N ASP C 240 27.63 7.44 24.52
CA ASP C 240 27.60 7.36 25.97
C ASP C 240 27.14 8.66 26.61
N ARG C 241 27.25 9.82 25.94
CA ARG C 241 26.67 11.02 26.54
C ARG C 241 25.57 11.56 25.65
N LYS C 242 24.35 11.72 26.21
CA LYS C 242 23.19 12.02 25.38
C LYS C 242 23.30 13.43 24.80
N TRP C 243 23.67 14.42 25.63
CA TRP C 243 23.79 15.78 25.15
C TRP C 243 24.78 15.86 23.98
N TYR C 244 25.92 15.13 24.05
CA TYR C 244 26.91 15.19 22.99
C TYR C 244 26.37 14.54 21.71
N MET C 245 25.72 13.39 21.85
CA MET C 245 25.22 12.61 20.73
C MET C 245 24.14 13.39 19.99
N ARG C 246 23.23 14.03 20.70
CA ARG C 246 22.27 14.94 20.09
C ARG C 246 22.95 16.07 19.35
N TYR C 247 23.98 16.66 19.93
CA TYR C 247 24.69 17.73 19.28
C TYR C 247 25.23 17.22 17.94
N VAL C 248 25.95 16.09 17.94
CA VAL C 248 26.60 15.62 16.74
C VAL C 248 25.59 15.22 15.67
N VAL C 249 24.49 14.59 16.04
CA VAL C 249 23.45 14.29 15.05
C VAL C 249 22.85 15.56 14.47
N SER C 250 22.61 16.61 15.27
CA SER C 250 22.10 17.86 14.71
C SER C 250 23.07 18.44 13.66
N GLU C 251 24.39 18.27 13.86
CA GLU C 251 25.41 18.78 12.96
C GLU C 251 25.35 17.99 11.66
N ILE C 252 25.23 16.67 11.74
CA ILE C 252 25.23 15.86 10.54
C ILE C 252 23.97 16.19 9.71
N VAL C 253 22.81 16.30 10.36
CA VAL C 253 21.60 16.58 9.61
C VAL C 253 21.68 17.94 8.93
N VAL C 254 22.10 18.98 9.67
CA VAL C 254 22.27 20.31 9.09
C VAL C 254 23.23 20.31 7.92
N LYS C 255 24.37 19.64 8.06
CA LYS C 255 25.38 19.71 7.00
C LYS C 255 24.89 18.95 5.76
N THR C 256 24.13 17.87 5.91
CA THR C 256 23.61 17.19 4.72
C THR C 256 22.57 18.06 4.03
N LEU C 257 21.65 18.69 4.79
CA LEU C 257 20.66 19.57 4.19
C LEU C 257 21.33 20.74 3.43
N GLU C 258 22.46 21.20 3.94
CA GLU C 258 23.18 22.29 3.29
C GLU C 258 23.81 21.86 1.99
N GLU C 259 24.37 20.65 1.85
CA GLU C 259 24.86 20.15 0.55
C GLU C 259 23.68 20.01 -0.43
N MET C 260 22.50 19.60 0.06
CA MET C 260 21.34 19.46 -0.81
C MET C 260 20.87 20.83 -1.29
N ASN C 261 21.06 21.88 -0.47
CA ASN C 261 20.88 23.26 -0.90
C ASN C 261 19.49 23.58 -1.48
N PRO C 262 18.38 23.20 -0.82
CA PRO C 262 17.05 23.49 -1.30
C PRO C 262 16.72 24.98 -1.30
N LYS C 263 15.90 25.40 -2.28
CA LYS C 263 15.49 26.79 -2.45
C LYS C 263 14.00 26.81 -2.80
N TYR C 264 13.29 27.86 -2.38
CA TYR C 264 11.93 28.05 -2.81
C TYR C 264 11.98 28.17 -4.33
N PRO C 265 11.15 27.47 -5.11
CA PRO C 265 11.18 27.55 -6.56
C PRO C 265 10.75 28.91 -7.09
N THR C 266 11.35 29.33 -8.21
CA THR C 266 10.97 30.57 -8.85
C THR C 266 10.01 30.15 -9.95
N VAL C 267 8.95 30.92 -10.21
CA VAL C 267 8.03 30.49 -11.26
C VAL C 267 8.50 31.05 -12.61
N THR C 268 8.05 30.43 -13.70
CA THR C 268 8.53 30.76 -15.03
C THR C 268 8.10 32.17 -15.42
N LYS C 269 8.70 32.72 -16.47
CA LYS C 269 8.32 34.03 -16.95
C LYS C 269 6.82 34.11 -17.22
N GLU C 270 6.29 33.02 -17.79
CA GLU C 270 4.94 33.04 -18.34
C GLU C 270 3.94 32.90 -17.18
N THR C 271 4.30 32.12 -16.16
CA THR C 271 3.45 32.02 -14.99
C THR C 271 3.40 33.35 -14.25
N LEU C 272 4.53 34.07 -14.23
CA LEU C 272 4.63 35.32 -13.53
C LEU C 272 3.63 36.31 -14.14
N GLU C 273 3.45 36.26 -15.46
CA GLU C 273 2.60 37.20 -16.20
C GLU C 273 1.14 36.90 -15.90
N ARG C 274 0.74 35.63 -15.96
CA ARG C 274 -0.58 35.24 -15.52
C ARG C 274 -0.83 35.73 -14.11
N PHE C 275 0.17 35.55 -13.25
CA PHE C 275 0.04 35.94 -11.85
C PHE C 275 -0.27 37.42 -11.73
N GLU C 276 0.39 38.26 -12.54
CA GLU C 276 0.15 39.69 -12.44
C GLU C 276 -1.29 40.01 -12.86
N GLY C 277 -1.83 39.26 -13.81
CA GLY C 277 -3.20 39.43 -14.25
C GLY C 277 -4.15 39.06 -13.12
N TYR C 278 -3.90 37.95 -12.43
CA TYR C 278 -4.73 37.61 -11.29
C TYR C 278 -4.59 38.69 -10.21
N ARG C 279 -3.38 39.27 -9.97
CA ARG C 279 -3.26 40.34 -8.98
C ARG C 279 -4.16 41.54 -9.31
N THR C 280 -4.16 41.98 -10.55
CA THR C 280 -4.97 43.14 -10.95
C THR C 280 -6.45 42.83 -10.72
N LYS C 281 -6.86 41.60 -11.04
CA LYS C 281 -8.28 41.21 -10.88
C LYS C 281 -8.71 41.27 -9.42
N LEU C 282 -7.87 40.77 -8.54
CA LEU C 282 -8.19 40.74 -7.12
C LEU C 282 -8.25 42.15 -6.61
N LEU C 283 -7.30 42.98 -7.06
CA LEU C 283 -7.27 44.36 -6.62
C LEU C 283 -8.52 45.04 -7.14
N GLU C 284 -8.92 44.78 -8.41
CA GLU C 284 -10.08 45.47 -8.93
C GLU C 284 -11.36 45.03 -8.22
N GLU C 285 -11.45 43.77 -7.86
CA GLU C 285 -12.62 43.28 -7.15
C GLU C 285 -12.83 44.05 -5.89
N TYR C 286 -11.75 44.46 -5.25
CA TYR C 286 -11.88 45.17 -3.98
C TYR C 286 -11.43 46.62 -4.05
N ASN C 287 -11.38 47.21 -5.25
CA ASN C 287 -11.03 48.62 -5.50
C ASN C 287 -9.73 48.97 -4.76
N TYR C 288 -8.70 48.15 -4.95
CA TYR C 288 -7.36 48.36 -4.43
C TYR C 288 -7.39 48.48 -2.90
N ASP C 289 -8.40 47.94 -2.24
CA ASP C 289 -8.36 47.86 -0.80
C ASP C 289 -7.80 46.54 -0.26
N LEU C 290 -6.64 46.13 -0.72
CA LEU C 290 -5.91 44.99 -0.19
C LEU C 290 -4.52 45.51 0.22
N ASP C 291 -3.78 44.71 1.01
CA ASP C 291 -2.45 45.13 1.45
C ASP C 291 -1.38 44.75 0.44
N THR C 292 -1.25 45.47 -0.65
CA THR C 292 -0.19 45.19 -1.60
C THR C 292 1.12 45.76 -1.06
N ILE C 293 2.25 45.22 -1.47
CA ILE C 293 3.53 45.83 -1.15
C ILE C 293 3.94 46.79 -2.26
N ARG C 294 2.99 47.27 -3.06
CA ARG C 294 3.26 48.26 -4.10
C ARG C 294 2.36 49.47 -3.87
N PRO C 295 2.73 50.28 -2.86
CA PRO C 295 1.87 51.38 -2.43
C PRO C 295 1.51 52.42 -3.50
N ILE C 296 2.33 52.62 -4.57
CA ILE C 296 2.11 53.74 -5.48
C ILE C 296 0.83 53.53 -6.34
N GLU C 297 0.63 52.30 -6.81
CA GLU C 297 -0.58 51.91 -7.52
C GLU C 297 -1.86 52.11 -6.68
N LYS C 298 -1.82 51.82 -5.38
CA LYS C 298 -2.95 52.09 -4.48
C LYS C 298 -3.40 53.55 -4.47
N LEU C 299 -2.48 54.51 -4.61
CA LEU C 299 -2.82 55.93 -4.58
C LEU C 299 -3.49 56.40 -5.87
N GLU C 300 -3.27 55.67 -6.96
CA GLU C 300 -3.92 55.90 -8.25
C GLU C 300 -5.46 55.71 -8.22
N HIS C 301 -6.05 54.83 -7.37
CA HIS C 301 -7.43 54.37 -7.58
C HIS C 301 -8.41 54.97 -6.54
N HIS C 302 -9.70 55.20 -6.93
CA HIS C 302 -10.79 55.96 -6.23
C HIS C 302 -11.29 55.28 -4.94
N HIS C 303 -11.96 56.02 -4.01
CA HIS C 303 -12.26 55.52 -2.65
C HIS C 303 -13.19 56.44 -1.83
N ASN D 3 18.16 -21.65 -27.63
CA ASN D 3 17.04 -20.87 -28.23
C ASN D 3 17.69 -19.77 -29.11
N ILE D 4 17.17 -19.61 -30.34
CA ILE D 4 17.45 -18.45 -31.17
C ILE D 4 16.77 -17.23 -30.54
N TYR D 5 15.72 -17.47 -29.70
CA TYR D 5 14.96 -16.38 -29.08
C TYR D 5 15.43 -15.94 -27.69
N LYS D 6 16.33 -16.66 -27.03
CA LYS D 6 16.79 -16.24 -25.71
C LYS D 6 18.09 -15.43 -25.85
N ILE D 7 18.16 -14.32 -25.16
CA ILE D 7 19.36 -13.51 -25.08
C ILE D 7 19.77 -13.50 -23.61
N ASP D 8 20.99 -13.98 -23.36
CA ASP D 8 21.51 -14.24 -22.01
C ASP D 8 22.91 -13.62 -21.77
N LYS D 9 23.34 -12.67 -22.61
CA LYS D 9 24.62 -12.01 -22.48
C LYS D 9 24.45 -10.56 -22.91
N LEU D 10 25.26 -9.69 -22.31
CA LEU D 10 25.28 -8.29 -22.65
C LEU D 10 25.80 -8.07 -24.06
N ASN D 11 25.30 -7.04 -24.77
CA ASN D 11 25.92 -6.56 -26.01
C ASN D 11 25.99 -7.63 -27.09
N ASN D 12 24.89 -8.36 -27.25
CA ASN D 12 24.89 -9.55 -28.05
C ASN D 12 23.57 -9.70 -28.83
N PHE D 13 23.08 -8.59 -29.36
CA PHE D 13 21.69 -8.52 -29.74
C PHE D 13 21.59 -7.57 -30.93
N ASN D 14 21.10 -8.08 -32.04
CA ASN D 14 20.84 -7.32 -33.24
C ASN D 14 19.36 -7.53 -33.60
N LEU D 15 18.57 -6.46 -33.49
CA LEU D 15 17.14 -6.54 -33.68
C LEU D 15 16.74 -6.89 -35.12
N ASN D 16 17.54 -6.46 -36.07
CA ASN D 16 17.31 -6.68 -37.48
C ASN D 16 17.35 -8.18 -37.82
N ASN D 17 18.15 -8.97 -37.06
CA ASN D 17 18.12 -10.42 -37.25
C ASN D 17 16.93 -11.13 -36.60
N HIS D 18 16.05 -10.47 -35.87
CA HIS D 18 14.96 -11.14 -35.19
C HIS D 18 13.68 -10.66 -35.91
N LYS D 19 13.23 -11.49 -36.84
CA LYS D 19 12.12 -11.16 -37.70
C LYS D 19 10.85 -11.33 -36.91
N THR D 20 9.84 -10.53 -37.25
CA THR D 20 8.57 -10.53 -36.54
C THR D 20 7.68 -11.70 -36.93
N ASP D 21 7.99 -12.34 -38.08
CA ASP D 21 7.20 -13.45 -38.58
C ASP D 21 7.97 -14.77 -38.63
N ASP D 22 9.06 -14.92 -37.89
CA ASP D 22 9.70 -16.22 -37.78
C ASP D 22 8.72 -17.20 -37.14
N TYR D 23 8.83 -18.48 -37.57
CA TYR D 23 8.03 -19.57 -37.01
C TYR D 23 8.82 -20.90 -37.00
N SER D 24 10.13 -20.80 -36.79
CA SER D 24 11.07 -21.91 -36.97
C SER D 24 10.91 -22.99 -35.90
N LEU D 25 10.35 -22.72 -34.70
CA LEU D 25 10.15 -23.76 -33.71
C LEU D 25 8.99 -24.72 -34.02
N CYS D 26 8.00 -24.32 -34.79
CA CYS D 26 6.82 -25.14 -35.02
C CYS D 26 5.99 -24.56 -36.17
N LYS D 27 6.14 -25.08 -37.40
CA LYS D 27 5.59 -24.47 -38.61
C LYS D 27 4.09 -24.79 -38.80
N ASP D 28 3.60 -25.80 -38.12
CA ASP D 28 2.23 -26.23 -38.32
C ASP D 28 1.42 -25.70 -37.15
N LYS D 29 0.39 -24.95 -37.47
CA LYS D 29 -0.45 -24.31 -36.47
C LYS D 29 -1.18 -25.29 -35.56
N ASP D 30 -1.74 -26.36 -36.08
CA ASP D 30 -2.56 -27.26 -35.29
C ASP D 30 -1.68 -27.99 -34.28
N THR D 31 -0.44 -28.35 -34.69
CA THR D 31 0.56 -28.93 -33.82
C THR D 31 0.81 -27.95 -32.69
N ALA D 32 1.07 -26.67 -33.01
CA ALA D 32 1.39 -25.69 -31.96
C ALA D 32 0.24 -25.46 -30.98
N LEU D 33 -1.02 -25.49 -31.44
CA LEU D 33 -2.18 -25.38 -30.57
C LEU D 33 -2.21 -26.56 -29.58
N GLU D 34 -1.94 -27.81 -30.04
CA GLU D 34 -1.91 -29.04 -29.20
C GLU D 34 -0.76 -28.87 -28.15
N LEU D 35 0.46 -28.52 -28.58
CA LEU D 35 1.62 -28.39 -27.70
C LEU D 35 1.36 -27.31 -26.66
N THR D 36 0.57 -26.31 -27.06
CA THR D 36 0.25 -25.19 -26.18
C THR D 36 -0.67 -25.71 -25.06
N GLN D 37 -1.64 -26.56 -25.40
CA GLN D 37 -2.50 -27.15 -24.38
C GLN D 37 -1.72 -28.00 -23.39
N LYS D 38 -0.71 -28.74 -23.81
CA LYS D 38 0.03 -29.55 -22.86
C LYS D 38 0.88 -28.67 -21.96
N ASN D 39 1.55 -27.65 -22.53
CA ASN D 39 2.33 -26.73 -21.74
C ASN D 39 1.47 -26.10 -20.65
N ILE D 40 0.22 -25.77 -20.98
CA ILE D 40 -0.69 -25.11 -20.06
C ILE D 40 -1.07 -26.02 -18.89
N GLN D 41 -1.42 -27.26 -19.16
CA GLN D 41 -1.60 -28.23 -18.09
C GLN D 41 -0.35 -28.30 -17.19
N LYS D 42 0.86 -28.34 -17.72
CA LYS D 42 2.04 -28.46 -16.89
C LYS D 42 2.24 -27.20 -16.05
N ILE D 43 1.84 -26.04 -16.56
CA ILE D 43 2.05 -24.78 -15.87
C ILE D 43 1.13 -24.75 -14.65
N TYR D 44 -0.11 -25.15 -14.83
CA TYR D 44 -1.01 -25.32 -13.71
C TYR D 44 -0.42 -26.25 -12.67
N ASP D 45 0.10 -27.44 -13.07
CA ASP D 45 0.67 -28.36 -12.10
C ASP D 45 1.82 -27.70 -11.34
N TYR D 46 2.76 -27.05 -12.03
CA TYR D 46 3.88 -26.44 -11.37
C TYR D 46 3.40 -25.35 -10.42
N GLN D 47 2.37 -24.60 -10.79
CA GLN D 47 1.93 -23.53 -9.93
C GLN D 47 1.41 -24.06 -8.61
N GLN D 48 0.71 -25.19 -8.58
CA GLN D 48 0.22 -25.75 -7.31
C GLN D 48 1.37 -26.15 -6.40
N LYS D 49 2.42 -26.71 -6.98
CA LYS D 49 3.58 -27.07 -6.20
C LYS D 49 4.31 -25.82 -5.72
N LEU D 50 4.44 -24.79 -6.56
CA LEU D 50 5.16 -23.58 -6.20
C LEU D 50 4.46 -22.88 -5.04
N TYR D 51 3.12 -22.83 -5.09
CA TYR D 51 2.34 -22.20 -4.03
C TYR D 51 2.48 -22.98 -2.73
N ALA D 52 2.52 -24.30 -2.80
CA ALA D 52 2.57 -25.05 -1.57
C ALA D 52 3.93 -24.93 -0.89
N GLU D 53 5.01 -24.82 -1.67
CA GLU D 53 6.37 -24.83 -1.12
C GLU D 53 6.76 -23.47 -0.50
N LYS D 54 6.22 -22.34 -1.02
CA LYS D 54 6.51 -21.01 -0.49
C LYS D 54 8.01 -20.75 -0.37
N LYS D 55 8.75 -21.08 -1.44
CA LYS D 55 10.19 -20.85 -1.46
C LYS D 55 10.66 -19.86 -2.53
N GLU D 56 9.94 -19.72 -3.64
CA GLU D 56 10.41 -18.94 -4.78
C GLU D 56 9.23 -18.25 -5.45
N GLY D 57 9.49 -17.04 -5.92
CA GLY D 57 8.49 -16.22 -6.61
C GLY D 57 8.86 -16.04 -8.06
N LEU D 58 7.85 -15.77 -8.90
CA LEU D 58 8.06 -15.63 -10.32
C LEU D 58 7.33 -14.40 -10.82
N ILE D 59 8.07 -13.58 -11.55
CA ILE D 59 7.54 -12.46 -12.30
C ILE D 59 7.54 -12.85 -13.75
N ILE D 60 6.42 -12.64 -14.44
CA ILE D 60 6.35 -12.89 -15.86
C ILE D 60 6.07 -11.54 -16.49
N ALA D 61 7.05 -10.95 -17.15
CA ALA D 61 6.91 -9.57 -17.60
C ALA D 61 6.87 -9.50 -19.12
N PHE D 62 5.90 -8.77 -19.63
CA PHE D 62 5.67 -8.61 -21.04
C PHE D 62 5.86 -7.16 -21.39
N GLN D 63 6.75 -6.91 -22.34
CA GLN D 63 7.06 -5.54 -22.73
C GLN D 63 7.05 -5.47 -24.25
N ALA D 64 6.23 -4.60 -24.81
CA ALA D 64 6.02 -4.52 -26.24
C ALA D 64 5.20 -3.28 -26.57
N MET D 65 5.12 -2.99 -27.86
CA MET D 65 4.25 -1.96 -28.42
C MET D 65 2.78 -2.35 -28.26
N ASP D 66 1.91 -1.38 -28.43
CA ASP D 66 0.46 -1.57 -28.45
C ASP D 66 0.07 -2.53 -29.57
N ALA D 67 -0.82 -3.44 -29.21
CA ALA D 67 -1.36 -4.50 -30.08
C ALA D 67 -0.32 -5.52 -30.53
N ALA D 68 0.79 -5.60 -29.82
CA ALA D 68 1.76 -6.65 -30.11
C ALA D 68 1.17 -7.99 -29.73
N GLY D 69 0.44 -8.07 -28.61
CA GLY D 69 -0.28 -9.26 -28.20
C GLY D 69 -0.15 -9.56 -26.71
N LYS D 70 0.11 -8.55 -25.86
CA LYS D 70 0.37 -8.74 -24.44
C LYS D 70 -0.88 -9.25 -23.71
N ASP D 71 -1.97 -8.51 -23.75
CA ASP D 71 -3.18 -8.94 -23.06
C ASP D 71 -3.75 -10.23 -23.65
N GLY D 72 -3.77 -10.41 -25.00
CA GLY D 72 -4.30 -11.66 -25.57
C GLY D 72 -3.46 -12.88 -25.17
N THR D 73 -2.14 -12.72 -25.08
CA THR D 73 -1.27 -13.82 -24.73
C THR D 73 -1.41 -14.12 -23.25
N ILE D 74 -1.37 -13.11 -22.38
CA ILE D 74 -1.51 -13.33 -20.97
C ILE D 74 -2.82 -14.07 -20.73
N ARG D 75 -3.90 -13.61 -21.35
CA ARG D 75 -5.21 -14.24 -21.20
C ARG D 75 -5.21 -15.68 -21.72
N GLU D 76 -4.76 -15.94 -22.95
CA GLU D 76 -4.88 -17.30 -23.47
C GLU D 76 -3.93 -18.32 -22.76
N VAL D 77 -2.72 -17.93 -22.37
CA VAL D 77 -1.74 -18.86 -21.82
C VAL D 77 -1.90 -18.97 -20.32
N LEU D 78 -2.09 -17.87 -19.62
CA LEU D 78 -2.08 -17.92 -18.17
C LEU D 78 -3.47 -17.94 -17.54
N LYS D 79 -4.53 -18.05 -18.33
CA LYS D 79 -5.84 -18.27 -17.75
C LYS D 79 -5.97 -19.65 -17.14
N ALA D 80 -5.02 -20.52 -17.42
CA ALA D 80 -4.97 -21.85 -16.81
C ALA D 80 -4.76 -21.78 -15.31
N LEU D 81 -3.96 -20.80 -14.87
CA LEU D 81 -3.58 -20.59 -13.49
C LEU D 81 -4.80 -20.51 -12.60
N ALA D 82 -4.68 -21.11 -11.42
CA ALA D 82 -5.67 -20.94 -10.38
C ALA D 82 -5.54 -19.54 -9.84
N PRO D 83 -6.56 -18.91 -9.23
CA PRO D 83 -6.42 -17.54 -8.74
C PRO D 83 -5.45 -17.40 -7.55
N GLN D 84 -5.21 -18.44 -6.79
CA GLN D 84 -4.38 -18.35 -5.61
C GLN D 84 -2.92 -18.01 -5.96
N GLY D 85 -2.41 -17.00 -5.26
CA GLY D 85 -1.06 -16.56 -5.46
C GLY D 85 -0.81 -15.82 -6.75
N VAL D 86 -1.82 -15.19 -7.35
CA VAL D 86 -1.65 -14.61 -8.66
C VAL D 86 -2.10 -13.18 -8.62
N HIS D 87 -1.29 -12.27 -9.19
CA HIS D 87 -1.61 -10.88 -9.34
C HIS D 87 -1.20 -10.55 -10.76
N GLU D 88 -1.99 -9.70 -11.42
CA GLU D 88 -1.62 -9.12 -12.70
C GLU D 88 -1.48 -7.61 -12.44
N LYS D 89 -0.41 -7.01 -12.94
CA LYS D 89 -0.18 -5.60 -12.71
C LYS D 89 0.17 -4.91 -14.03
N PRO D 90 -0.77 -4.11 -14.60
CA PRO D 90 -0.44 -3.25 -15.75
C PRO D 90 0.19 -1.94 -15.26
N PHE D 91 1.40 -1.64 -15.72
CA PHE D 91 2.10 -0.38 -15.57
C PHE D 91 1.62 0.58 -16.66
N LYS D 92 0.64 1.43 -16.29
CA LYS D 92 0.24 2.58 -17.10
C LYS D 92 1.19 3.77 -16.90
N SER D 93 0.89 4.89 -17.51
CA SER D 93 1.49 6.16 -17.13
C SER D 93 1.46 6.37 -15.62
N PRO D 94 2.63 6.72 -15.07
CA PRO D 94 2.73 6.99 -13.64
C PRO D 94 1.78 8.10 -13.15
N SER D 95 1.09 7.83 -12.01
CA SER D 95 0.42 8.85 -11.21
C SER D 95 1.37 9.90 -10.62
N SER D 96 0.82 10.99 -10.10
CA SER D 96 1.58 11.98 -9.34
C SER D 96 2.48 11.39 -8.26
N THR D 97 1.90 10.55 -7.44
CA THR D 97 2.54 9.89 -6.32
C THR D 97 3.64 8.95 -6.80
N GLU D 98 3.42 8.20 -7.87
CA GLU D 98 4.44 7.37 -8.45
C GLU D 98 5.60 8.18 -9.04
N LEU D 99 5.35 9.32 -9.66
CA LEU D 99 6.39 10.18 -10.16
C LEU D 99 7.12 10.88 -9.00
N ALA D 100 6.47 11.07 -7.87
CA ALA D 100 7.12 11.73 -6.75
C ALA D 100 8.09 10.78 -6.06
N HIS D 101 7.83 9.48 -6.19
CA HIS D 101 8.76 8.45 -5.78
C HIS D 101 9.72 8.16 -6.94
N ASP D 102 10.69 7.30 -6.66
CA ASP D 102 11.68 6.90 -7.64
C ASP D 102 11.00 5.84 -8.52
N TYR D 103 11.52 5.62 -9.72
CA TYR D 103 10.88 4.85 -10.75
C TYR D 103 10.76 3.36 -10.39
N LEU D 104 11.69 2.75 -9.67
CA LEU D 104 11.47 1.35 -9.30
C LEU D 104 10.56 1.16 -8.10
N TRP D 105 10.17 2.23 -7.39
CA TRP D 105 9.32 2.10 -6.21
C TRP D 105 8.01 1.34 -6.52
N ARG D 106 7.27 1.70 -7.58
CA ARG D 106 6.01 1.06 -7.85
C ARG D 106 6.25 -0.36 -8.37
N VAL D 107 7.38 -0.64 -8.99
CA VAL D 107 7.64 -1.98 -9.46
C VAL D 107 7.97 -2.95 -8.34
N HIS D 108 8.88 -2.51 -7.47
CA HIS D 108 9.28 -3.32 -6.35
C HIS D 108 8.05 -3.62 -5.50
N ASN D 109 7.15 -2.68 -5.29
CA ASN D 109 5.98 -2.97 -4.47
C ASN D 109 5.20 -4.12 -5.07
N ALA D 110 5.20 -4.36 -6.38
CA ALA D 110 4.36 -5.42 -6.93
C ALA D 110 5.07 -6.78 -7.06
N VAL D 111 6.30 -6.88 -6.58
CA VAL D 111 7.06 -8.11 -6.61
C VAL D 111 6.30 -9.12 -5.80
N PRO D 112 6.24 -10.38 -6.27
CA PRO D 112 5.45 -11.39 -5.60
C PRO D 112 6.14 -11.96 -4.38
N GLU D 113 5.32 -12.51 -3.46
CA GLU D 113 5.78 -13.29 -2.33
C GLU D 113 6.33 -14.62 -2.83
N LYS D 114 7.18 -15.25 -2.01
CA LYS D 114 7.66 -16.58 -2.35
C LYS D 114 6.43 -17.46 -2.46
N GLY D 115 6.39 -18.24 -3.53
CA GLY D 115 5.28 -19.13 -3.77
C GLY D 115 4.27 -18.54 -4.73
N GLU D 116 4.49 -17.28 -5.14
CA GLU D 116 3.48 -16.57 -5.93
C GLU D 116 4.02 -16.14 -7.29
N ILE D 117 3.08 -15.85 -8.16
CA ILE D 117 3.32 -15.39 -9.50
C ILE D 117 2.66 -14.05 -9.72
N THR D 118 3.45 -13.12 -10.23
CA THR D 118 2.92 -11.83 -10.56
C THR D 118 3.21 -11.57 -12.04
N ILE D 119 2.20 -11.13 -12.78
CA ILE D 119 2.35 -10.87 -14.19
C ILE D 119 2.42 -9.38 -14.41
N PHE D 120 3.42 -8.96 -15.17
CA PHE D 120 3.63 -7.56 -15.44
C PHE D 120 3.29 -7.29 -16.89
N ASN D 121 2.31 -6.43 -17.09
CA ASN D 121 1.99 -5.93 -18.40
C ASN D 121 2.64 -4.55 -18.52
N ARG D 122 3.70 -4.49 -19.29
CA ARG D 122 4.70 -3.45 -19.19
C ARG D 122 5.42 -3.60 -17.85
N SER D 123 6.41 -2.75 -17.57
CA SER D 123 7.40 -3.07 -16.56
C SER D 123 8.17 -1.82 -16.16
N HIS D 124 9.19 -2.01 -15.32
CA HIS D 124 10.21 -1.03 -15.07
C HIS D 124 10.94 -0.65 -16.33
N TYR D 125 10.90 -1.46 -17.41
CA TYR D 125 11.61 -1.13 -18.64
C TYR D 125 10.94 0.08 -19.28
N GLU D 126 9.70 0.45 -18.94
CA GLU D 126 9.14 1.73 -19.40
C GLU D 126 10.09 2.93 -19.31
N ASP D 127 10.94 2.95 -18.31
CA ASP D 127 11.83 4.06 -18.01
C ASP D 127 13.10 4.10 -18.86
N VAL D 128 13.34 3.10 -19.70
CA VAL D 128 14.34 3.17 -20.76
C VAL D 128 13.77 2.91 -22.16
N LEU D 129 12.46 2.95 -22.28
CA LEU D 129 11.75 2.91 -23.55
C LEU D 129 11.06 4.25 -23.77
N ILE D 130 9.75 4.40 -23.45
CA ILE D 130 9.12 5.71 -23.60
C ILE D 130 9.94 6.77 -22.84
N GLY D 131 10.50 6.44 -21.68
CA GLY D 131 11.33 7.40 -20.98
C GLY D 131 12.59 7.83 -21.74
N LYS D 132 13.20 6.99 -22.55
CA LYS D 132 14.38 7.42 -23.33
C LYS D 132 13.94 8.13 -24.61
N VAL D 133 12.96 7.56 -25.32
CA VAL D 133 12.53 8.06 -26.62
C VAL D 133 11.96 9.48 -26.52
N LYS D 134 11.10 9.75 -25.50
CA LYS D 134 10.56 11.08 -25.23
C LYS D 134 11.34 11.89 -24.17
N GLU D 135 12.45 11.34 -23.66
CA GLU D 135 13.37 12.06 -22.79
C GLU D 135 12.61 12.68 -21.62
N LEU D 136 11.73 11.91 -20.98
CA LEU D 136 10.84 12.44 -19.96
C LEU D 136 11.61 12.96 -18.76
N TYR D 137 12.80 12.41 -18.48
CA TYR D 137 13.62 12.79 -17.33
C TYR D 137 13.99 14.27 -17.37
N LYS D 138 14.00 14.92 -18.55
CA LYS D 138 14.35 16.33 -18.64
C LYS D 138 13.23 17.24 -18.14
N PHE D 139 11.99 16.75 -18.00
CA PHE D 139 10.80 17.54 -17.69
C PHE D 139 10.35 17.23 -16.26
N GLN D 140 10.78 16.08 -15.76
CA GLN D 140 10.44 15.70 -14.40
C GLN D 140 11.29 16.43 -13.35
N ASN D 141 10.75 16.52 -12.16
CA ASN D 141 11.46 16.97 -11.01
C ASN D 141 12.57 15.98 -10.62
N LYS D 142 13.76 16.55 -10.35
CA LYS D 142 14.93 15.83 -9.86
C LYS D 142 15.94 16.80 -9.25
N ALA D 143 16.90 16.28 -8.50
CA ALA D 143 17.88 17.15 -7.88
C ALA D 143 18.83 17.75 -8.92
N ASP D 144 19.29 18.97 -8.63
CA ASP D 144 20.13 19.70 -9.55
C ASP D 144 21.40 18.92 -9.92
N ARG D 145 21.90 18.09 -9.01
CA ARG D 145 23.16 17.38 -9.18
C ARG D 145 23.00 16.18 -10.12
N ILE D 146 21.77 15.83 -10.51
CA ILE D 146 21.57 14.71 -11.41
C ILE D 146 22.01 15.14 -12.79
N ASP D 147 23.00 14.41 -13.33
CA ASP D 147 23.51 14.69 -14.66
C ASP D 147 22.60 14.01 -15.69
N GLU D 148 22.00 14.81 -16.56
CA GLU D 148 21.01 14.31 -17.49
C GLU D 148 21.63 13.43 -18.58
N ASN D 149 22.86 13.70 -18.99
CA ASN D 149 23.55 12.88 -19.98
C ASN D 149 23.84 11.46 -19.52
N THR D 150 23.78 11.15 -18.22
CA THR D 150 24.07 9.80 -17.75
C THR D 150 22.81 9.14 -17.15
N VAL D 151 21.64 9.80 -17.27
CA VAL D 151 20.45 9.25 -16.61
C VAL D 151 20.13 7.86 -17.18
N VAL D 152 20.20 7.67 -18.49
CA VAL D 152 19.81 6.41 -19.08
C VAL D 152 20.83 5.31 -18.79
N ASP D 153 22.12 5.58 -18.89
CA ASP D 153 23.11 4.55 -18.56
C ASP D 153 22.97 4.10 -17.11
N ASN D 154 22.65 5.03 -16.19
CA ASN D 154 22.48 4.66 -14.80
C ASN D 154 21.24 3.84 -14.57
N ARG D 155 20.23 3.99 -15.43
CA ARG D 155 19.07 3.14 -15.32
C ARG D 155 19.38 1.72 -15.77
N TYR D 156 20.18 1.55 -16.82
CA TYR D 156 20.60 0.19 -17.20
C TYR D 156 21.36 -0.48 -16.04
N GLU D 157 22.33 0.23 -15.41
CA GLU D 157 23.04 -0.33 -14.25
C GLU D 157 22.08 -0.73 -13.12
N ASP D 158 21.16 0.16 -12.79
CA ASP D 158 20.29 0.02 -11.61
C ASP D 158 19.30 -1.09 -11.87
N ILE D 159 18.81 -1.18 -13.11
CA ILE D 159 17.93 -2.28 -13.46
C ILE D 159 18.70 -3.61 -13.39
N ARG D 160 19.91 -3.66 -13.92
CA ARG D 160 20.66 -4.93 -13.81
C ARG D 160 20.79 -5.30 -12.33
N ASN D 161 21.13 -4.34 -11.46
CA ASN D 161 21.42 -4.64 -10.08
C ASN D 161 20.16 -5.03 -9.33
N PHE D 162 19.06 -4.35 -9.65
CA PHE D 162 17.78 -4.70 -9.06
C PHE D 162 17.37 -6.12 -9.45
N GLU D 163 17.51 -6.48 -10.74
CA GLU D 163 17.06 -7.80 -11.14
C GLU D 163 17.97 -8.88 -10.52
N LYS D 164 19.27 -8.65 -10.38
CA LYS D 164 20.20 -9.58 -9.72
C LYS D 164 19.89 -9.66 -8.22
N TYR D 165 19.43 -8.56 -7.61
CA TYR D 165 19.03 -8.57 -6.20
C TYR D 165 17.84 -9.51 -6.04
N LEU D 166 16.86 -9.39 -6.93
CA LEU D 166 15.71 -10.25 -6.84
C LEU D 166 16.10 -11.71 -7.02
N TYR D 167 16.94 -11.97 -7.99
CA TYR D 167 17.37 -13.34 -8.23
C TYR D 167 17.94 -13.93 -6.94
N ASN D 168 18.81 -13.15 -6.28
CA ASN D 168 19.50 -13.62 -5.10
C ASN D 168 18.52 -13.72 -3.92
N ASN D 169 17.27 -13.27 -4.06
CA ASN D 169 16.36 -13.36 -2.93
C ASN D 169 15.10 -14.06 -3.35
N SER D 170 15.30 -15.04 -4.26
CA SER D 170 14.32 -16.06 -4.51
C SER D 170 13.17 -15.52 -5.35
N VAL D 171 13.43 -14.56 -6.25
CA VAL D 171 12.42 -14.13 -7.20
C VAL D 171 13.02 -14.11 -8.61
N ARG D 172 12.44 -14.90 -9.51
CA ARG D 172 12.90 -14.93 -10.89
C ARG D 172 12.08 -13.95 -11.69
N ILE D 173 12.69 -13.48 -12.77
CA ILE D 173 11.89 -12.72 -13.69
C ILE D 173 12.06 -13.30 -15.09
N ILE D 174 10.94 -13.56 -15.79
CA ILE D 174 10.92 -13.84 -17.19
C ILE D 174 10.63 -12.53 -17.90
N LYS D 175 11.51 -12.13 -18.85
CA LYS D 175 11.31 -10.91 -19.61
C LYS D 175 11.00 -11.30 -21.04
N ILE D 176 9.87 -10.90 -21.55
CA ILE D 176 9.44 -11.29 -22.86
C ILE D 176 9.14 -10.03 -23.67
N PHE D 177 9.86 -9.83 -24.79
CA PHE D 177 9.58 -8.83 -25.77
C PHE D 177 8.79 -9.47 -26.92
N LEU D 178 7.54 -9.07 -27.10
CA LEU D 178 6.73 -9.50 -28.23
C LEU D 178 7.02 -8.56 -29.37
N ASN D 179 7.69 -9.11 -30.37
CA ASN D 179 8.29 -8.34 -31.45
C ASN D 179 7.33 -8.35 -32.64
N VAL D 180 6.47 -7.35 -32.73
CA VAL D 180 5.47 -7.20 -33.76
C VAL D 180 5.89 -6.20 -34.82
N SER D 181 5.47 -6.42 -36.08
CA SER D 181 5.82 -5.51 -37.15
C SER D 181 4.79 -4.37 -37.14
N LYS D 182 5.13 -3.25 -37.76
CA LYS D 182 4.24 -2.12 -37.80
C LYS D 182 2.99 -2.41 -38.67
N LYS D 183 3.14 -3.15 -39.77
CA LYS D 183 1.95 -3.49 -40.53
C LYS D 183 1.01 -4.38 -39.72
N GLU D 184 1.54 -5.35 -38.99
CA GLU D 184 0.62 -6.18 -38.25
C GLU D 184 -0.08 -5.38 -37.14
N GLN D 185 0.62 -4.42 -36.51
CA GLN D 185 0.02 -3.55 -35.54
C GLN D 185 -1.14 -2.81 -36.17
N ALA D 186 -0.94 -2.35 -37.39
CA ALA D 186 -2.00 -1.61 -38.03
C ALA D 186 -3.18 -2.52 -38.29
N GLU D 187 -2.97 -3.80 -38.60
CA GLU D 187 -4.12 -4.62 -38.87
C GLU D 187 -4.90 -4.80 -37.58
N ARG D 188 -4.20 -4.98 -36.47
CA ARG D 188 -4.89 -5.20 -35.22
C ARG D 188 -5.56 -3.90 -34.78
N PHE D 189 -5.01 -2.72 -35.12
CA PHE D 189 -5.69 -1.49 -34.73
C PHE D 189 -6.95 -1.35 -35.55
N LEU D 190 -6.85 -1.65 -36.84
CA LEU D 190 -8.02 -1.62 -37.71
C LEU D 190 -9.09 -2.51 -37.12
N SER D 191 -8.69 -3.66 -36.61
CA SER D 191 -9.67 -4.58 -36.06
C SER D 191 -10.28 -3.95 -34.79
N ARG D 192 -9.48 -3.30 -33.93
CA ARG D 192 -10.04 -2.60 -32.78
C ARG D 192 -11.00 -1.48 -33.18
N ILE D 193 -10.84 -0.86 -34.34
CA ILE D 193 -11.80 0.12 -34.80
C ILE D 193 -13.04 -0.51 -35.41
N GLU D 194 -12.94 -1.64 -36.10
CA GLU D 194 -14.05 -2.11 -36.94
C GLU D 194 -14.98 -3.10 -36.22
N GLU D 195 -14.54 -3.68 -35.12
CA GLU D 195 -15.38 -4.50 -34.24
C GLU D 195 -15.82 -3.72 -33.01
N PRO D 196 -17.14 -3.46 -32.88
CA PRO D 196 -17.72 -2.82 -31.70
C PRO D 196 -17.17 -3.29 -30.37
N GLU D 197 -16.99 -4.58 -30.20
CA GLU D 197 -16.61 -5.13 -28.90
C GLU D 197 -15.15 -4.87 -28.60
N LYS D 198 -14.39 -4.31 -29.55
CA LYS D 198 -13.01 -3.98 -29.26
C LYS D 198 -12.72 -2.45 -29.31
N ASN D 199 -13.72 -1.64 -29.57
CA ASN D 199 -13.57 -0.19 -29.61
C ASN D 199 -12.95 0.37 -28.33
N TRP D 200 -13.35 -0.17 -27.20
CA TRP D 200 -12.90 0.33 -25.93
C TRP D 200 -11.39 0.26 -25.84
N LYS D 201 -10.77 -0.59 -26.65
CA LYS D 201 -9.35 -0.91 -26.49
C LYS D 201 -8.48 0.05 -27.30
N PHE D 202 -9.11 0.91 -28.08
CA PHE D 202 -8.37 1.75 -29.02
C PHE D 202 -8.34 3.14 -28.45
N SER D 203 -7.18 3.82 -28.52
CA SER D 203 -7.17 5.23 -28.13
C SER D 203 -6.37 6.09 -29.10
N ASP D 204 -6.65 7.39 -29.07
CA ASP D 204 -5.91 8.43 -29.78
C ASP D 204 -4.40 8.19 -29.70
N SER D 205 -3.89 7.99 -28.51
CA SER D 205 -2.45 8.00 -28.40
C SER D 205 -1.82 6.73 -28.96
N ASP D 206 -2.62 5.70 -29.17
CA ASP D 206 -2.12 4.46 -29.73
C ASP D 206 -1.69 4.74 -31.18
N PHE D 207 -2.53 5.47 -31.91
CA PHE D 207 -2.32 5.86 -33.29
C PHE D 207 -1.11 6.81 -33.38
N GLU D 208 -0.96 7.71 -32.40
CA GLU D 208 -0.06 8.84 -32.49
C GLU D 208 1.34 8.35 -32.16
N GLU D 209 1.47 7.28 -31.41
CA GLU D 209 2.78 6.74 -31.09
C GLU D 209 3.45 6.07 -32.28
N ARG D 210 2.71 5.81 -33.36
CA ARG D 210 3.28 5.16 -34.54
C ARG D 210 4.43 5.96 -35.13
N VAL D 211 4.28 7.28 -35.08
CA VAL D 211 5.28 8.25 -35.46
C VAL D 211 6.62 7.99 -34.79
N TYR D 212 6.65 7.31 -33.64
CA TYR D 212 7.90 7.07 -32.95
C TYR D 212 8.39 5.65 -33.14
N TRP D 213 7.88 4.96 -34.15
CA TRP D 213 8.12 3.53 -34.24
C TRP D 213 9.61 3.18 -34.19
N ASP D 214 10.38 3.82 -35.08
CA ASP D 214 11.78 3.51 -35.23
C ASP D 214 12.55 3.82 -33.96
N LYS D 215 12.26 4.92 -33.31
CA LYS D 215 12.99 5.24 -32.09
C LYS D 215 12.67 4.20 -31.02
N TYR D 216 11.44 3.71 -30.95
CA TYR D 216 11.14 2.68 -29.98
C TYR D 216 11.89 1.40 -30.31
N GLN D 217 12.01 1.05 -31.59
CA GLN D 217 12.80 -0.13 -31.97
C GLN D 217 14.23 0.01 -31.51
N GLN D 218 14.84 1.18 -31.67
CA GLN D 218 16.21 1.38 -31.18
C GLN D 218 16.26 1.28 -29.65
N ALA D 219 15.26 1.82 -28.96
CA ALA D 219 15.26 1.69 -27.52
C ALA D 219 15.07 0.25 -27.02
N PHE D 220 14.38 -0.60 -27.76
CA PHE D 220 14.31 -2.01 -27.39
C PHE D 220 15.65 -2.66 -27.62
N GLU D 221 16.33 -2.29 -28.72
CA GLU D 221 17.61 -2.89 -28.98
C GLU D 221 18.56 -2.55 -27.82
N ASP D 222 18.54 -1.31 -27.37
CA ASP D 222 19.52 -0.86 -26.38
C ASP D 222 19.20 -1.51 -25.04
N ALA D 223 17.90 -1.61 -24.70
CA ALA D 223 17.56 -2.23 -23.44
C ALA D 223 18.06 -3.70 -23.40
N ILE D 224 17.86 -4.43 -24.49
CA ILE D 224 18.15 -5.85 -24.49
C ILE D 224 19.68 -6.09 -24.49
N ASN D 225 20.42 -5.28 -25.24
CA ASN D 225 21.88 -5.20 -25.11
C ASN D 225 22.37 -4.95 -23.70
N ALA D 226 21.61 -4.19 -22.90
CA ALA D 226 22.18 -3.70 -21.65
C ALA D 226 21.72 -4.51 -20.46
N THR D 227 20.70 -5.35 -20.58
CA THR D 227 20.20 -5.99 -19.36
C THR D 227 19.97 -7.50 -19.50
N SER D 228 20.42 -8.15 -20.58
CA SER D 228 20.32 -9.59 -20.71
C SER D 228 21.47 -10.28 -19.98
N THR D 229 21.13 -11.16 -19.03
CA THR D 229 22.07 -11.96 -18.27
C THR D 229 21.58 -13.40 -18.26
N LYS D 230 22.47 -14.29 -17.86
CA LYS D 230 22.16 -15.69 -17.65
C LYS D 230 20.99 -15.84 -16.68
N ASP D 231 20.97 -15.08 -15.60
CA ASP D 231 19.97 -15.25 -14.57
C ASP D 231 18.72 -14.49 -14.92
N CYS D 232 18.84 -13.45 -15.76
CA CYS D 232 17.70 -12.61 -16.12
C CYS D 232 17.71 -12.39 -17.63
N PRO D 233 17.41 -13.42 -18.41
CA PRO D 233 17.48 -13.31 -19.85
C PRO D 233 16.31 -12.58 -20.44
N TRP D 234 16.52 -12.10 -21.67
CA TRP D 234 15.44 -11.61 -22.47
C TRP D 234 15.01 -12.65 -23.48
N TYR D 235 13.69 -12.70 -23.74
CA TYR D 235 13.18 -13.54 -24.78
C TYR D 235 12.52 -12.66 -25.83
N VAL D 236 12.98 -12.79 -27.05
CA VAL D 236 12.47 -12.02 -28.14
C VAL D 236 11.57 -12.93 -28.96
N VAL D 237 10.28 -12.72 -28.84
CA VAL D 237 9.32 -13.62 -29.42
C VAL D 237 8.66 -12.98 -30.62
N PRO D 238 8.69 -13.60 -31.81
CA PRO D 238 7.96 -13.12 -32.97
C PRO D 238 6.48 -13.05 -32.71
N ALA D 239 5.86 -11.89 -32.99
CA ALA D 239 4.51 -11.61 -32.50
C ALA D 239 3.51 -11.46 -33.65
N ASP D 240 3.93 -11.66 -34.90
CA ASP D 240 3.02 -11.51 -36.02
C ASP D 240 1.96 -12.59 -36.12
N ARG D 241 2.15 -13.78 -35.55
CA ARG D 241 1.06 -14.73 -35.51
C ARG D 241 0.72 -15.12 -34.07
N LYS D 242 -0.53 -14.95 -33.69
CA LYS D 242 -0.97 -15.18 -32.33
C LYS D 242 -0.74 -16.63 -31.88
N TRP D 243 -1.13 -17.61 -32.68
CA TRP D 243 -0.99 -19.02 -32.29
C TRP D 243 0.50 -19.34 -32.02
N TYR D 244 1.42 -18.81 -32.84
CA TYR D 244 2.83 -19.11 -32.65
C TYR D 244 3.36 -18.47 -31.36
N MET D 245 3.03 -17.22 -31.17
CA MET D 245 3.51 -16.43 -30.04
C MET D 245 2.99 -17.03 -28.73
N ARG D 246 1.73 -17.43 -28.65
CA ARG D 246 1.21 -18.12 -27.47
C ARG D 246 1.94 -19.44 -27.24
N TYR D 247 2.24 -20.17 -28.30
CA TYR D 247 3.02 -21.40 -28.16
C TYR D 247 4.37 -21.10 -27.53
N VAL D 248 5.09 -20.15 -28.05
CA VAL D 248 6.42 -19.89 -27.59
C VAL D 248 6.40 -19.39 -26.15
N VAL D 249 5.48 -18.50 -25.81
CA VAL D 249 5.41 -18.06 -24.41
C VAL D 249 5.09 -19.22 -23.46
N SER D 250 4.19 -20.12 -23.83
CA SER D 250 3.93 -21.30 -23.00
C SER D 250 5.19 -22.14 -22.78
N GLU D 251 6.06 -22.25 -23.76
CA GLU D 251 7.30 -23.00 -23.67
C GLU D 251 8.27 -22.31 -22.71
N ILE D 252 8.43 -20.99 -22.81
CA ILE D 252 9.30 -20.25 -21.91
C ILE D 252 8.82 -20.39 -20.45
N VAL D 253 7.52 -20.22 -20.20
CA VAL D 253 7.03 -20.27 -18.84
C VAL D 253 7.21 -21.67 -18.25
N VAL D 254 6.84 -22.71 -19.03
CA VAL D 254 6.99 -24.05 -18.55
C VAL D 254 8.46 -24.40 -18.29
N LYS D 255 9.38 -23.95 -19.14
CA LYS D 255 10.79 -24.31 -18.95
C LYS D 255 11.35 -23.56 -17.74
N THR D 256 10.91 -22.35 -17.44
CA THR D 256 11.39 -21.68 -16.25
C THR D 256 10.87 -22.38 -15.00
N LEU D 257 9.60 -22.77 -14.97
CA LEU D 257 9.05 -23.42 -13.78
C LEU D 257 9.75 -24.75 -13.53
N GLU D 258 10.13 -25.44 -14.60
CA GLU D 258 10.88 -26.68 -14.48
C GLU D 258 12.29 -26.45 -13.94
N GLU D 259 13.04 -25.38 -14.29
CA GLU D 259 14.31 -25.07 -13.63
C GLU D 259 14.10 -24.78 -12.14
N MET D 260 13.01 -24.10 -11.79
CA MET D 260 12.71 -23.78 -10.40
C MET D 260 12.35 -25.05 -9.65
N ASN D 261 11.74 -26.03 -10.33
CA ASN D 261 11.56 -27.38 -9.79
C ASN D 261 10.81 -27.45 -8.44
N PRO D 262 9.64 -26.80 -8.28
CA PRO D 262 8.88 -26.88 -7.05
C PRO D 262 8.34 -28.26 -6.75
N LYS D 263 8.25 -28.56 -5.45
CA LYS D 263 7.82 -29.84 -4.93
C LYS D 263 6.88 -29.58 -3.76
N TYR D 264 5.83 -30.36 -3.61
CA TYR D 264 5.01 -30.30 -2.41
C TYR D 264 5.98 -30.57 -1.29
N PRO D 265 5.96 -29.82 -0.17
CA PRO D 265 6.92 -30.03 0.90
C PRO D 265 6.66 -31.32 1.66
N THR D 266 7.72 -32.00 2.09
CA THR D 266 7.56 -33.19 2.89
C THR D 266 7.68 -32.70 4.33
N VAL D 267 6.89 -33.27 5.25
CA VAL D 267 6.94 -32.81 6.63
C VAL D 267 7.96 -33.66 7.39
N THR D 268 8.44 -33.12 8.54
CA THR D 268 9.53 -33.75 9.30
C THR D 268 9.06 -35.07 9.91
N LYS D 269 10.01 -35.89 10.38
CA LYS D 269 9.62 -37.14 11.02
C LYS D 269 8.76 -36.91 12.25
N GLU D 270 8.98 -35.80 12.97
CA GLU D 270 8.28 -35.55 14.23
C GLU D 270 6.86 -35.09 13.95
N THR D 271 6.67 -34.34 12.87
CA THR D 271 5.33 -33.91 12.51
C THR D 271 4.51 -35.12 12.07
N LEU D 272 5.18 -36.06 11.39
CA LEU D 272 4.50 -37.24 10.88
C LEU D 272 3.92 -38.05 12.05
N GLU D 273 4.65 -38.08 13.18
CA GLU D 273 4.25 -38.81 14.36
C GLU D 273 3.04 -38.14 15.02
N ARG D 274 3.06 -36.82 15.22
CA ARG D 274 1.89 -36.13 15.73
C ARG D 274 0.71 -36.37 14.80
N PHE D 275 0.95 -36.36 13.49
CA PHE D 275 -0.10 -36.63 12.53
C PHE D 275 -0.75 -37.99 12.79
N GLU D 276 0.05 -39.01 13.13
CA GLU D 276 -0.51 -40.34 13.36
C GLU D 276 -1.43 -40.30 14.56
N GLY D 277 -1.06 -39.50 15.57
CA GLY D 277 -1.84 -39.35 16.80
C GLY D 277 -3.19 -38.71 16.46
N TYR D 278 -3.16 -37.65 15.65
CA TYR D 278 -4.41 -37.06 15.19
C TYR D 278 -5.25 -38.09 14.41
N ARG D 279 -4.63 -38.88 13.53
CA ARG D 279 -5.41 -39.88 12.80
C ARG D 279 -6.11 -40.92 13.72
N THR D 280 -5.41 -41.44 14.73
CA THR D 280 -6.01 -42.41 15.63
C THR D 280 -7.20 -41.78 16.34
N LYS D 281 -7.05 -40.50 16.75
CA LYS D 281 -8.10 -39.81 17.50
C LYS D 281 -9.37 -39.70 16.66
N LEU D 282 -9.18 -39.34 15.41
CA LEU D 282 -10.29 -39.16 14.52
C LEU D 282 -10.99 -40.48 14.26
N LEU D 283 -10.18 -41.52 14.08
CA LEU D 283 -10.72 -42.85 13.86
C LEU D 283 -11.54 -43.25 15.08
N GLU D 284 -10.97 -43.03 16.28
CA GLU D 284 -11.67 -43.45 17.50
C GLU D 284 -12.95 -42.65 17.69
N GLU D 285 -12.93 -41.34 17.42
CA GLU D 285 -14.11 -40.51 17.62
C GLU D 285 -15.27 -41.08 16.82
N TYR D 286 -15.00 -41.65 15.64
CA TYR D 286 -16.09 -42.14 14.81
C TYR D 286 -16.09 -43.65 14.61
N ASN D 287 -15.49 -44.41 15.55
CA ASN D 287 -15.50 -45.89 15.58
C ASN D 287 -15.05 -46.42 14.21
N TYR D 288 -13.92 -45.92 13.74
CA TYR D 288 -13.24 -46.45 12.56
C TYR D 288 -14.13 -46.34 11.34
N ASP D 289 -15.19 -45.53 11.39
CA ASP D 289 -16.03 -45.33 10.22
C ASP D 289 -15.65 -44.08 9.43
N LEU D 290 -14.35 -43.94 9.15
CA LEU D 290 -13.89 -42.99 8.15
C LEU D 290 -13.20 -43.77 7.04
N ASP D 291 -13.07 -43.17 5.88
CA ASP D 291 -12.28 -43.74 4.80
C ASP D 291 -10.79 -43.52 4.98
N THR D 292 -10.02 -44.58 5.08
CA THR D 292 -8.57 -44.41 5.09
C THR D 292 -7.99 -45.22 3.96
N ILE D 293 -6.86 -44.76 3.45
CA ILE D 293 -6.15 -45.48 2.43
C ILE D 293 -5.08 -46.37 3.08
N ARG D 294 -4.95 -46.39 4.42
CA ARG D 294 -3.82 -47.03 5.07
C ARG D 294 -4.37 -47.98 6.12
N PRO D 295 -3.68 -49.05 6.53
CA PRO D 295 -4.29 -50.01 7.43
C PRO D 295 -4.50 -49.41 8.82
N ILE D 296 -5.44 -49.93 9.61
CA ILE D 296 -5.72 -49.50 10.97
C ILE D 296 -5.10 -50.54 11.90
N GLU D 297 -4.19 -50.11 12.77
CA GLU D 297 -3.66 -50.92 13.86
C GLU D 297 -4.14 -50.40 15.21
N LYS D 298 -4.74 -51.25 16.09
CA LYS D 298 -5.37 -50.80 17.32
C LYS D 298 -4.67 -51.41 18.53
N LEU D 299 -4.89 -50.79 19.71
CA LEU D 299 -4.28 -51.22 20.96
C LEU D 299 -5.40 -51.45 22.00
#